data_4S3R
#
_entry.id   4S3R
#
_cell.length_a   65.000
_cell.length_b   75.830
_cell.length_c   163.850
_cell.angle_alpha   90.000
_cell.angle_beta   90.000
_cell.angle_gamma   90.000
#
_symmetry.space_group_name_H-M   'P 21 21 21'
#
loop_
_entity.id
_entity.type
_entity.pdbx_description
1 polymer 4-alpha-glucanotransferase
2 non-polymer 'ACARBOSE DERIVED HEPTASACCHARIDE'
3 non-polymer 1,2-ETHANEDIOL
4 water water
#
_entity_poly.entity_id   1
_entity_poly.type   'polypeptide(L)'
_entity_poly.pdbx_seq_one_letter_code
;(MSE)ESKRLDNAALAAGISPNYINAHGKPQSISAETKRRLLDA(MSE)HQRTATKVAVTPVPNV(MSE)VYTSGKK
(MSE)P(MSE)VVEGSGEYSWLLTTEEGTQYKGHVTGGKAFNLPTKLPEGYHTLTLTQDDQRAHCRVIVAPKRCYEPQAL
LNKQKLWGACVQLYTLRSEKNWGIGDFGDLKA(MSE)LVDVAKRGGSFIGLNPIHALYPANPESASPYSPSSRRWLNVIY
IDVNAVEDFHLSEEAQAWWQLPTTQQTLQQARDADWVDYSTVTALK(MSE)TALR(MSE)AWKGFAQRDDEQ(MSE)AAF
RQFVAEQGDSLFWQAAFDALHAQQVKEDE(MSE)RWGWPAWPE(MSE)YQNVDSPEVRQFCEEHRDDVDFYLWLQWLAYS
QFAACWEISQGYE(MSE)PIGLYRDLAVGVAEGGAETWCDRELYCLKASVGAPPDILGPLGQNWGLPP(MSE)DPHIITA
RAYEPFIELLRAN(MSE)QNCGALRIDHV(MSE)S(MSE)LRLWWIPYGETADQGAYVHYPVDDLLSILALESKRHRC
(MSE)VIGEDLGTVPVEIVGKLRSSGVYSYKVLYFENDHEKTFRAPKAYPEQS(MSE)AVAATHDLPTLRGYWECGDLTL
GKTLGLYPDEVVLRGLYQDRELAKQGLLDALHKYGCLPKRAGHKASL(MSE)S(MSE)TPTLNRGLQRYIADSNSALLGL
QPEDWLD(MSE)AEPVNIPGTSYQYKNWRRKLSATLES(MSE)FADDGVNKLLKDLDRRRRSAHHHHHH
;
_entity_poly.pdbx_strand_id   A
#
loop_
_chem_comp.id
_chem_comp.type
_chem_comp.name
_chem_comp.formula
7SA saccharide 'ACARBOSE DERIVED HEPTASACCHARIDE' 'C44 H74 N2 O30'
EDO non-polymer 1,2-ETHANEDIOL 'C2 H6 O2'
#
# COMPACT_ATOMS: atom_id res chain seq x y z
N GLU A 2 -20.83 17.16 -26.65
CA GLU A 2 -20.33 18.21 -27.58
C GLU A 2 -19.58 17.58 -28.79
N SER A 3 -18.45 18.15 -29.22
CA SER A 3 -17.85 17.74 -30.50
C SER A 3 -17.34 16.30 -30.50
N LYS A 4 -17.28 15.73 -31.70
CA LYS A 4 -16.72 14.41 -31.91
C LYS A 4 -15.20 14.41 -31.84
N ARG A 5 -14.58 15.55 -32.19
CA ARG A 5 -13.13 15.75 -32.04
C ARG A 5 -12.73 15.39 -30.62
N LEU A 6 -13.36 16.06 -29.67
CA LEU A 6 -13.10 15.87 -28.25
C LEU A 6 -13.35 14.43 -27.84
N ASP A 7 -14.47 13.86 -28.28
CA ASP A 7 -14.83 12.47 -27.97
C ASP A 7 -13.81 11.45 -28.44
N ASN A 8 -13.35 11.59 -29.66
CA ASN A 8 -12.35 10.68 -30.21
C ASN A 8 -11.03 10.85 -29.51
N ALA A 9 -10.70 12.11 -29.22
CA ALA A 9 -9.45 12.44 -28.59
C ALA A 9 -9.43 11.81 -27.20
N ALA A 10 -10.52 11.99 -26.47
CA ALA A 10 -10.65 11.43 -25.12
C ALA A 10 -10.51 9.91 -25.16
N LEU A 11 -11.24 9.28 -26.07
CA LEU A 11 -11.15 7.82 -26.31
C LEU A 11 -9.74 7.38 -26.66
N ALA A 12 -9.07 8.07 -27.57
CA ALA A 12 -7.69 7.72 -27.96
C ALA A 12 -6.72 7.84 -26.77
N ALA A 13 -7.01 8.76 -25.84
CA ALA A 13 -6.21 8.96 -24.65
C ALA A 13 -6.50 7.94 -23.52
N GLY A 14 -7.45 7.03 -23.73
CA GLY A 14 -7.77 6.03 -22.73
C GLY A 14 -8.77 6.49 -21.69
N ILE A 15 -9.52 7.55 -21.98
CA ILE A 15 -10.57 8.01 -21.09
C ILE A 15 -11.91 7.38 -21.49
N SER A 16 -12.52 6.70 -20.52
CA SER A 16 -13.80 6.02 -20.69
C SER A 16 -14.93 7.03 -20.69
N PRO A 17 -15.79 6.99 -21.71
CA PRO A 17 -16.90 7.94 -21.78
C PRO A 17 -18.05 7.62 -20.81
N ASN A 18 -18.01 6.44 -20.20
CA ASN A 18 -19.02 6.05 -19.24
C ASN A 18 -18.50 4.91 -18.39
N TYR A 19 -19.28 4.50 -17.40
CA TYR A 19 -18.93 3.38 -16.55
C TYR A 19 -20.17 2.94 -15.79
N ILE A 20 -20.08 1.74 -15.24
CA ILE A 20 -21.15 1.20 -14.39
C ILE A 20 -20.87 1.64 -12.95
N ASN A 21 -21.79 2.36 -12.32
CA ASN A 21 -21.57 2.79 -10.94
C ASN A 21 -21.81 1.65 -9.95
N ALA A 22 -21.65 1.92 -8.66
CA ALA A 22 -21.72 0.87 -7.65
C ALA A 22 -23.13 0.33 -7.47
N HIS A 23 -24.12 1.10 -7.93
CA HIS A 23 -25.51 0.62 -7.94
C HIS A 23 -25.88 -0.11 -9.23
N GLY A 24 -24.91 -0.40 -10.10
CA GLY A 24 -25.19 -1.10 -11.36
C GLY A 24 -25.75 -0.25 -12.49
N LYS A 25 -25.83 1.08 -12.30
CA LYS A 25 -26.40 1.98 -13.29
C LYS A 25 -25.33 2.64 -14.15
N PRO A 26 -25.57 2.73 -15.47
CA PRO A 26 -24.59 3.41 -16.32
C PRO A 26 -24.55 4.91 -16.03
N GLN A 27 -23.36 5.51 -16.12
CA GLN A 27 -23.15 6.94 -15.89
C GLN A 27 -22.29 7.45 -17.02
N SER A 28 -22.61 8.65 -17.52
CA SER A 28 -21.85 9.27 -18.61
C SER A 28 -20.92 10.38 -18.12
N ILE A 29 -19.80 10.55 -18.83
CA ILE A 29 -18.81 11.57 -18.53
C ILE A 29 -19.06 12.83 -19.36
N SER A 30 -18.96 14.00 -18.72
CA SER A 30 -19.25 15.25 -19.40
C SER A 30 -18.08 15.69 -20.26
N ALA A 31 -18.36 16.50 -21.28
CA ALA A 31 -17.33 17.10 -22.12
C ALA A 31 -16.33 17.93 -21.30
N GLU A 32 -16.83 18.64 -20.30
CA GLU A 32 -15.97 19.46 -19.47
C GLU A 32 -14.88 18.60 -18.83
N THR A 33 -15.30 17.47 -18.25
CA THR A 33 -14.36 16.51 -17.64
C THR A 33 -13.35 16.01 -18.68
N LYS A 34 -13.84 15.67 -19.86
CA LYS A 34 -12.97 15.13 -20.91
C LYS A 34 -11.90 16.13 -21.29
N ARG A 35 -12.33 17.38 -21.45
CA ARG A 35 -11.43 18.47 -21.79
C ARG A 35 -10.35 18.68 -20.73
N ARG A 36 -10.78 18.88 -19.49
CA ARG A 36 -9.86 19.07 -18.38
C ARG A 36 -8.86 17.90 -18.23
N LEU A 37 -9.30 16.66 -18.47
CA LEU A 37 -8.40 15.51 -18.29
C LEU A 37 -7.41 15.38 -19.45
N LEU A 38 -7.87 15.65 -20.67
CA LEU A 38 -6.95 15.70 -21.83
C LEU A 38 -5.84 16.76 -21.62
N ASP A 39 -6.23 17.95 -21.16
CA ASP A 39 -5.29 19.01 -20.80
C ASP A 39 -4.29 18.49 -19.74
N ALA A 40 -4.76 17.63 -18.83
CA ALA A 40 -3.86 17.07 -17.81
C ALA A 40 -2.78 16.11 -18.35
N MSE A 41 -3.02 15.46 -19.50
CA MSE A 41 -2.05 14.48 -20.01
C MSE A 41 -0.99 15.19 -20.78
O MSE A 41 -1.20 16.32 -21.24
CB MSE A 41 -2.76 13.43 -20.84
CG MSE A 41 -3.74 12.76 -19.91
SE MSE A 41 -4.62 11.20 -20.73
CE MSE A 41 -3.06 10.03 -20.45
N HIS A 42 0.16 14.54 -20.94
CA HIS A 42 1.41 15.22 -21.35
C HIS A 42 1.52 15.63 -22.82
N THR A 52 10.58 2.11 -34.10
CA THR A 52 9.35 2.09 -34.89
C THR A 52 9.15 0.78 -35.67
N PRO A 53 10.24 0.05 -36.03
CA PRO A 53 10.05 -1.29 -36.65
C PRO A 53 9.48 -2.34 -35.70
N VAL A 54 9.91 -2.30 -34.44
CA VAL A 54 9.29 -3.07 -33.34
C VAL A 54 8.91 -2.11 -32.20
N PRO A 55 8.08 -2.56 -31.26
CA PRO A 55 7.78 -1.65 -30.16
C PRO A 55 8.96 -1.54 -29.19
N ASN A 56 8.91 -0.57 -28.29
CA ASN A 56 9.96 -0.39 -27.29
C ASN A 56 9.88 -1.46 -26.18
N VAL A 57 8.71 -2.06 -26.01
CA VAL A 57 8.58 -3.12 -25.02
C VAL A 57 7.54 -4.12 -25.52
N MSE A 58 7.78 -5.40 -25.24
CA MSE A 58 6.82 -6.48 -25.49
C MSE A 58 6.83 -7.45 -24.35
O MSE A 58 7.89 -7.88 -23.91
CB MSE A 58 7.24 -7.31 -26.69
CG MSE A 58 6.68 -6.82 -28.01
SE MSE A 58 4.70 -6.75 -28.10
CE MSE A 58 4.31 -8.68 -27.99
N VAL A 59 5.66 -7.84 -23.88
CA VAL A 59 5.55 -8.77 -22.76
C VAL A 59 4.90 -10.08 -23.19
N TYR A 60 5.50 -11.20 -22.81
CA TYR A 60 4.98 -12.52 -23.15
C TYR A 60 4.91 -13.42 -21.93
N THR A 61 4.03 -14.41 -21.97
CA THR A 61 3.95 -15.45 -20.95
C THR A 61 4.84 -16.62 -21.32
N SER A 62 5.63 -17.11 -20.36
CA SER A 62 6.56 -18.20 -20.60
C SER A 62 5.83 -19.46 -21.01
N GLY A 63 6.50 -20.27 -21.82
CA GLY A 63 5.93 -21.50 -22.35
C GLY A 63 4.91 -21.35 -23.47
N LYS A 64 4.72 -20.14 -23.98
CA LYS A 64 3.83 -19.89 -25.10
C LYS A 64 4.64 -19.38 -26.29
N LYS A 65 4.05 -19.47 -27.48
CA LYS A 65 4.68 -18.90 -28.67
C LYS A 65 4.87 -17.39 -28.51
N MSE A 66 5.88 -16.82 -29.16
CA MSE A 66 6.22 -15.42 -28.95
C MSE A 66 6.36 -14.67 -30.25
O MSE A 66 7.46 -14.35 -30.66
CB MSE A 66 7.50 -15.36 -28.09
CG MSE A 66 7.23 -15.91 -26.70
SE MSE A 66 8.71 -15.60 -25.43
CE MSE A 66 8.16 -16.96 -24.10
N PRO A 67 5.23 -14.36 -30.90
CA PRO A 67 5.34 -13.67 -32.16
C PRO A 67 5.76 -12.21 -31.97
N MSE A 68 6.64 -11.75 -32.86
CA MSE A 68 7.06 -10.35 -32.92
C MSE A 68 6.78 -9.86 -34.32
O MSE A 68 7.32 -10.39 -35.30
CB MSE A 68 8.56 -10.32 -32.54
CG MSE A 68 9.22 -8.96 -32.63
SE MSE A 68 8.56 -7.69 -31.24
CE MSE A 68 9.47 -8.48 -29.69
N VAL A 69 5.91 -8.87 -34.42
CA VAL A 69 5.58 -8.24 -35.68
C VAL A 69 6.62 -7.18 -35.96
N VAL A 70 7.10 -7.13 -37.20
CA VAL A 70 8.05 -6.10 -37.62
C VAL A 70 7.43 -5.24 -38.71
N GLU A 71 7.55 -3.92 -38.57
CA GLU A 71 7.08 -2.98 -39.56
C GLU A 71 8.27 -2.38 -40.29
N GLY A 72 7.99 -1.52 -41.26
CA GLY A 72 9.02 -1.03 -42.19
C GLY A 72 9.09 -1.92 -43.41
N SER A 73 10.27 -2.02 -44.01
CA SER A 73 10.45 -2.87 -45.19
C SER A 73 11.92 -3.12 -45.43
N GLY A 74 12.20 -4.11 -46.28
CA GLY A 74 13.55 -4.60 -46.48
C GLY A 74 13.88 -5.58 -45.38
N GLU A 75 15.12 -6.07 -45.34
CA GLU A 75 15.49 -7.10 -44.38
C GLU A 75 16.17 -6.49 -43.16
N TYR A 76 15.83 -7.03 -42.00
CA TYR A 76 16.42 -6.62 -40.74
C TYR A 76 17.18 -7.77 -40.17
N SER A 77 18.33 -7.49 -39.56
CA SER A 77 19.03 -8.48 -38.75
C SER A 77 18.53 -8.26 -37.33
N TRP A 78 18.46 -9.33 -36.54
CA TRP A 78 18.07 -9.18 -35.14
C TRP A 78 18.94 -9.97 -34.19
N LEU A 79 19.07 -9.41 -32.99
CA LEU A 79 19.87 -9.99 -31.93
C LEU A 79 19.08 -9.92 -30.63
N LEU A 80 18.87 -11.05 -29.99
CA LEU A 80 18.22 -11.11 -28.70
C LEU A 80 19.23 -11.59 -27.67
N THR A 81 19.46 -10.74 -26.68
CA THR A 81 20.37 -11.03 -25.58
C THR A 81 19.50 -11.23 -24.36
N THR A 82 19.63 -12.38 -23.70
CA THR A 82 18.85 -12.65 -22.53
C THR A 82 19.45 -11.94 -21.35
N GLU A 83 18.74 -11.97 -20.22
CA GLU A 83 19.14 -11.31 -18.99
C GLU A 83 20.45 -11.92 -18.53
N GLU A 84 20.58 -13.23 -18.62
CA GLU A 84 21.82 -13.91 -18.28
C GLU A 84 22.91 -13.84 -19.35
N GLY A 85 22.59 -13.34 -20.54
CA GLY A 85 23.61 -13.02 -21.55
C GLY A 85 23.67 -13.92 -22.75
N THR A 86 22.75 -14.89 -22.88
CA THR A 86 22.72 -15.74 -24.07
C THR A 86 22.29 -14.93 -25.30
N GLN A 87 22.96 -15.15 -26.42
CA GLN A 87 22.64 -14.46 -27.66
C GLN A 87 21.95 -15.36 -28.68
N TYR A 88 21.05 -14.75 -29.44
CA TYR A 88 20.34 -15.39 -30.53
C TYR A 88 20.29 -14.39 -31.67
N LYS A 89 20.48 -14.89 -32.89
CA LYS A 89 20.52 -14.09 -34.10
C LYS A 89 19.50 -14.58 -35.13
N GLY A 90 19.13 -13.68 -36.04
CA GLY A 90 18.31 -14.06 -37.18
C GLY A 90 18.08 -12.88 -38.08
N HIS A 91 17.20 -13.07 -39.04
CA HIS A 91 16.84 -12.01 -39.94
C HIS A 91 15.35 -12.12 -40.19
N VAL A 92 14.73 -11.02 -40.58
CA VAL A 92 13.32 -11.01 -40.82
C VAL A 92 12.99 -9.88 -41.78
N THR A 93 11.96 -10.08 -42.58
CA THR A 93 11.52 -9.09 -43.53
C THR A 93 10.54 -8.08 -42.86
N GLY A 94 10.75 -6.79 -43.09
CA GLY A 94 9.79 -5.76 -42.64
C GLY A 94 8.41 -6.03 -43.21
N GLY A 95 7.38 -5.85 -42.39
CA GLY A 95 6.04 -6.26 -42.76
C GLY A 95 5.70 -7.72 -42.47
N LYS A 96 6.66 -8.49 -41.95
CA LYS A 96 6.42 -9.87 -41.54
C LYS A 96 6.54 -9.97 -40.04
N ALA A 97 6.19 -11.14 -39.52
CA ALA A 97 6.41 -11.48 -38.12
C ALA A 97 7.40 -12.62 -38.05
N PHE A 98 8.03 -12.77 -36.89
CA PHE A 98 8.81 -13.97 -36.63
C PHE A 98 8.58 -14.35 -35.17
N ASN A 99 8.86 -15.59 -34.84
CA ASN A 99 8.78 -16.03 -33.47
C ASN A 99 10.11 -15.92 -32.76
N LEU A 100 10.09 -15.52 -31.49
CA LEU A 100 11.31 -15.48 -30.72
C LEU A 100 11.82 -16.90 -30.47
N PRO A 101 13.11 -17.04 -30.19
CA PRO A 101 13.56 -18.39 -29.97
C PRO A 101 12.69 -19.05 -28.91
N THR A 102 12.50 -20.34 -29.06
CA THR A 102 11.64 -21.09 -28.20
C THR A 102 12.23 -21.18 -26.80
N LYS A 103 11.38 -21.43 -25.81
CA LYS A 103 11.81 -21.66 -24.42
C LYS A 103 12.75 -20.60 -23.84
N LEU A 104 12.47 -19.33 -24.12
CA LEU A 104 13.18 -18.29 -23.40
C LEU A 104 12.85 -18.38 -21.90
N PRO A 105 13.85 -18.16 -21.03
CA PRO A 105 13.56 -18.10 -19.61
C PRO A 105 12.83 -16.82 -19.20
N GLU A 106 12.15 -16.88 -18.07
CA GLU A 106 11.48 -15.70 -17.54
C GLU A 106 12.52 -14.67 -17.17
N GLY A 107 12.22 -13.41 -17.43
CA GLY A 107 13.17 -12.33 -17.15
C GLY A 107 13.08 -11.15 -18.08
N TYR A 108 14.12 -10.34 -18.04
CA TYR A 108 14.18 -9.09 -18.79
C TYR A 108 15.28 -9.20 -19.85
N HIS A 109 14.86 -9.26 -21.12
CA HIS A 109 15.74 -9.48 -22.25
C HIS A 109 15.74 -8.28 -23.18
N THR A 110 16.71 -8.25 -24.09
CA THR A 110 16.87 -7.16 -25.07
C THR A 110 16.91 -7.70 -26.49
N LEU A 111 16.01 -7.18 -27.33
CA LEU A 111 15.97 -7.45 -28.75
C LEU A 111 16.37 -6.19 -29.46
N THR A 112 17.28 -6.33 -30.43
CA THR A 112 17.71 -5.22 -31.23
C THR A 112 17.55 -5.59 -32.70
N LEU A 113 16.84 -4.75 -33.46
CA LEU A 113 16.76 -4.88 -34.92
C LEU A 113 17.63 -3.81 -35.58
N THR A 114 18.33 -4.22 -36.64
CA THR A 114 19.22 -3.33 -37.38
C THR A 114 18.94 -3.40 -38.88
N GLN A 115 18.82 -2.23 -39.50
CA GLN A 115 18.78 -2.10 -40.95
C GLN A 115 19.67 -0.91 -41.30
N ASP A 116 20.50 -1.10 -42.32
CA ASP A 116 21.58 -0.17 -42.65
C ASP A 116 22.44 0.07 -41.41
N ASP A 117 22.45 1.31 -40.92
CA ASP A 117 23.25 1.70 -39.78
C ASP A 117 22.42 1.73 -38.49
N GLN A 118 21.13 2.03 -38.60
CA GLN A 118 20.33 2.36 -37.42
C GLN A 118 19.58 1.18 -36.80
N ARG A 119 19.52 1.23 -35.48
CA ARG A 119 19.10 0.13 -34.64
C ARG A 119 17.86 0.53 -33.87
N ALA A 120 17.02 -0.45 -33.56
CA ALA A 120 15.85 -0.25 -32.75
C ALA A 120 15.89 -1.31 -31.65
N HIS A 121 15.63 -0.88 -30.41
CA HIS A 121 15.65 -1.78 -29.26
C HIS A 121 14.24 -2.05 -28.75
N CYS A 122 13.98 -3.30 -28.37
CA CYS A 122 12.75 -3.67 -27.69
C CYS A 122 13.13 -4.39 -26.42
N ARG A 123 12.64 -3.92 -25.28
CA ARG A 123 12.73 -4.71 -24.05
C ARG A 123 11.71 -5.85 -24.12
N VAL A 124 12.20 -7.08 -24.00
CA VAL A 124 11.36 -8.27 -24.07
C VAL A 124 11.19 -8.90 -22.70
N ILE A 125 9.97 -8.90 -22.21
CA ILE A 125 9.68 -9.39 -20.88
C ILE A 125 8.97 -10.72 -20.95
N VAL A 126 9.57 -11.74 -20.36
CA VAL A 126 8.98 -13.06 -20.31
C VAL A 126 8.57 -13.33 -18.87
N ALA A 127 7.29 -13.62 -18.66
CA ALA A 127 6.72 -13.68 -17.32
C ALA A 127 5.96 -14.99 -17.07
N PRO A 128 6.00 -15.49 -15.83
CA PRO A 128 5.09 -16.58 -15.48
C PRO A 128 3.64 -16.12 -15.53
N LYS A 129 2.73 -17.06 -15.46
CA LYS A 129 1.33 -16.75 -15.49
C LYS A 129 0.87 -16.29 -14.11
N ARG A 130 1.29 -17.00 -13.08
CA ARG A 130 0.78 -16.78 -11.74
C ARG A 130 1.81 -16.15 -10.86
N CYS A 131 1.34 -15.33 -9.92
CA CYS A 131 2.19 -14.82 -8.85
C CYS A 131 2.62 -15.94 -7.92
N TYR A 132 3.61 -15.66 -7.09
CA TYR A 132 4.12 -16.57 -6.11
C TYR A 132 3.11 -16.97 -5.03
N GLU A 133 3.23 -18.23 -4.62
CA GLU A 133 2.52 -18.78 -3.47
C GLU A 133 3.46 -19.59 -2.59
N PRO A 134 3.46 -19.35 -1.27
CA PRO A 134 4.30 -20.19 -0.40
C PRO A 134 3.78 -21.60 -0.34
N GLN A 135 4.66 -22.52 0.03
CA GLN A 135 4.33 -23.94 0.03
C GLN A 135 3.12 -24.27 0.92
N ALA A 136 3.05 -23.65 2.09
CA ALA A 136 1.93 -23.84 3.00
C ALA A 136 0.60 -23.65 2.27
N LEU A 137 0.49 -22.61 1.45
CA LEU A 137 -0.74 -22.39 0.69
C LEU A 137 -0.92 -23.38 -0.44
N LEU A 138 0.17 -23.74 -1.10
CA LEU A 138 0.10 -24.76 -2.12
C LEU A 138 -0.38 -26.09 -1.53
N ASN A 139 0.07 -26.41 -0.30
CA ASN A 139 -0.39 -27.58 0.45
C ASN A 139 -1.84 -27.47 0.98
N LYS A 140 -2.55 -26.39 0.62
CA LYS A 140 -3.94 -26.15 1.02
C LYS A 140 -4.17 -25.89 2.51
N GLN A 141 -3.14 -25.43 3.22
CA GLN A 141 -3.35 -25.00 4.61
C GLN A 141 -4.15 -23.70 4.67
N LYS A 142 -4.85 -23.51 5.79
CA LYS A 142 -5.62 -22.31 6.06
C LYS A 142 -4.85 -21.55 7.12
N LEU A 143 -4.41 -20.35 6.78
CA LEU A 143 -3.51 -19.61 7.64
C LEU A 143 -4.19 -18.38 8.23
N TRP A 144 -3.66 -17.86 9.33
CA TRP A 144 -4.14 -16.59 9.87
C TRP A 144 -2.96 -15.69 10.22
N GLY A 145 -3.26 -14.41 10.34
CA GLY A 145 -2.30 -13.42 10.74
C GLY A 145 -3.00 -12.23 11.36
N ALA A 146 -2.22 -11.32 11.92
CA ALA A 146 -2.71 -10.08 12.52
C ALA A 146 -2.47 -8.93 11.57
N CYS A 147 -3.51 -8.20 11.24
CA CYS A 147 -3.37 -7.03 10.40
C CYS A 147 -3.37 -5.82 11.33
N VAL A 148 -2.27 -5.09 11.38
CA VAL A 148 -2.16 -4.00 12.30
C VAL A 148 -1.81 -2.67 11.62
N GLN A 149 -2.22 -1.61 12.29
CA GLN A 149 -1.74 -0.29 11.98
C GLN A 149 -0.59 -0.04 12.95
N LEU A 150 0.63 0.01 12.43
CA LEU A 150 1.81 -0.05 13.27
C LEU A 150 1.86 1.06 14.30
N TYR A 151 1.51 2.27 13.86
CA TYR A 151 1.54 3.47 14.71
C TYR A 151 0.60 3.33 15.93
N THR A 152 -0.41 2.46 15.84
CA THR A 152 -1.38 2.32 16.93
C THR A 152 -0.86 1.49 18.12
N LEU A 153 0.20 0.72 17.92
CA LEU A 153 0.64 -0.23 18.95
C LEU A 153 1.18 0.50 20.15
N ARG A 154 0.80 0.04 21.33
CA ARG A 154 1.36 0.49 22.57
C ARG A 154 2.26 -0.60 23.18
N SER A 155 3.29 -0.17 23.88
CA SER A 155 4.21 -1.09 24.53
C SER A 155 4.86 -0.37 25.67
N GLU A 156 5.61 -1.10 26.49
CA GLU A 156 6.34 -0.48 27.59
C GLU A 156 7.56 0.33 27.11
N LYS A 157 8.08 0.06 25.92
CA LYS A 157 9.37 0.63 25.53
C LYS A 157 9.30 1.69 24.45
N ASN A 158 8.19 1.77 23.71
CA ASN A 158 8.15 2.69 22.56
C ASN A 158 8.03 4.16 23.02
N TRP A 159 8.20 5.08 22.09
CA TRP A 159 8.31 6.52 22.42
C TRP A 159 7.03 7.29 22.14
N GLY A 160 5.91 6.58 22.14
CA GLY A 160 4.60 7.21 21.96
C GLY A 160 4.00 6.93 20.60
N ILE A 161 4.68 6.11 19.80
CA ILE A 161 4.17 5.59 18.55
C ILE A 161 4.68 4.16 18.40
N GLY A 162 3.84 3.30 17.84
CA GLY A 162 4.24 1.93 17.53
C GLY A 162 5.40 1.99 16.55
N ASP A 163 6.39 1.15 16.71
CA ASP A 163 7.55 1.18 15.85
C ASP A 163 8.10 -0.23 15.53
N PHE A 164 9.25 -0.28 14.87
CA PHE A 164 9.82 -1.56 14.49
C PHE A 164 10.18 -2.49 15.64
N GLY A 165 10.47 -1.93 16.81
CA GLY A 165 10.69 -2.70 18.02
C GLY A 165 9.42 -3.40 18.48
N ASP A 166 8.30 -2.69 18.36
CA ASP A 166 6.99 -3.29 18.66
C ASP A 166 6.63 -4.39 17.68
N LEU A 167 6.99 -4.18 16.42
CA LEU A 167 6.70 -5.17 15.38
C LEU A 167 7.43 -6.47 15.69
N LYS A 168 8.69 -6.33 16.08
CA LYS A 168 9.53 -7.47 16.38
C LYS A 168 8.95 -8.26 17.55
N ALA A 169 8.66 -7.58 18.65
CA ALA A 169 8.03 -8.20 19.83
C ALA A 169 6.70 -8.87 19.46
N MSE A 170 5.88 -8.21 18.66
CA MSE A 170 4.61 -8.79 18.28
C MSE A 170 4.72 -10.02 17.41
O MSE A 170 3.90 -10.92 17.54
CB MSE A 170 3.79 -7.76 17.54
CG MSE A 170 2.35 -8.20 17.64
SE MSE A 170 1.22 -6.88 16.72
CE MSE A 170 -0.47 -7.84 17.07
N LEU A 171 5.71 -10.06 16.51
CA LEU A 171 5.90 -11.22 15.62
C LEU A 171 6.03 -12.50 16.41
N VAL A 172 6.78 -12.43 17.49
CA VAL A 172 6.99 -13.59 18.33
C VAL A 172 5.66 -14.04 18.99
N ASP A 173 4.86 -13.08 19.43
CA ASP A 173 3.62 -13.45 20.07
C ASP A 173 2.61 -14.02 19.07
N VAL A 174 2.64 -13.53 17.85
CA VAL A 174 1.73 -14.05 16.85
C VAL A 174 2.18 -15.48 16.46
N ALA A 175 3.49 -15.65 16.24
CA ALA A 175 4.01 -16.92 15.79
C ALA A 175 3.80 -17.98 16.85
N LYS A 176 3.99 -17.62 18.11
CA LYS A 176 3.78 -18.60 19.19
C LYS A 176 2.36 -19.13 19.25
N ARG A 177 1.40 -18.34 18.77
CA ARG A 177 0.00 -18.73 18.81
C ARG A 177 -0.49 -19.34 17.51
N GLY A 178 0.43 -19.59 16.57
CA GLY A 178 0.12 -20.24 15.32
C GLY A 178 -0.14 -19.30 14.17
N GLY A 179 0.06 -18.00 14.36
CA GLY A 179 -0.12 -17.05 13.27
C GLY A 179 1.02 -17.12 12.28
N SER A 180 0.74 -16.76 11.03
CA SER A 180 1.69 -16.88 9.93
C SER A 180 2.22 -15.57 9.40
N PHE A 181 1.68 -14.45 9.88
CA PHE A 181 2.11 -13.14 9.40
C PHE A 181 1.60 -12.01 10.29
N ILE A 182 2.28 -10.87 10.17
CA ILE A 182 1.76 -9.60 10.60
C ILE A 182 1.64 -8.75 9.35
N GLY A 183 0.45 -8.21 9.14
CA GLY A 183 0.17 -7.27 8.06
C GLY A 183 0.29 -5.84 8.55
N LEU A 184 0.82 -4.97 7.70
CA LEU A 184 1.10 -3.58 8.04
C LEU A 184 0.43 -2.59 7.10
N ASN A 185 0.12 -1.41 7.63
CA ASN A 185 -0.11 -0.23 6.81
C ASN A 185 1.17 0.05 6.01
N PRO A 186 1.07 0.90 4.97
CA PRO A 186 2.27 1.33 4.27
C PRO A 186 3.23 2.03 5.19
N ILE A 187 4.50 1.70 5.04
CA ILE A 187 5.60 2.30 5.79
C ILE A 187 6.46 3.17 4.89
N HIS A 188 5.87 3.66 3.80
CA HIS A 188 6.51 4.62 2.91
C HIS A 188 6.92 5.88 3.63
N ALA A 189 7.94 6.52 3.11
CA ALA A 189 8.44 7.77 3.64
C ALA A 189 7.36 8.84 3.60
N LEU A 190 7.20 9.50 4.74
CA LEU A 190 6.29 10.66 4.86
C LEU A 190 7.18 11.89 5.06
N TYR A 191 6.83 12.79 5.99
CA TYR A 191 7.51 14.12 6.07
C TYR A 191 7.94 14.42 7.48
N PRO A 192 9.17 14.03 7.83
CA PRO A 192 9.61 14.35 9.19
C PRO A 192 9.56 15.86 9.48
N ALA A 193 9.67 16.71 8.43
CA ALA A 193 9.52 18.17 8.61
C ALA A 193 8.07 18.68 8.73
N ASN A 194 7.06 17.91 8.25
CA ASN A 194 5.61 18.14 8.51
C ASN A 194 5.00 16.88 9.13
N PRO A 195 5.31 16.62 10.40
CA PRO A 195 4.89 15.33 10.98
C PRO A 195 3.37 15.11 11.05
N GLU A 196 2.57 16.18 11.00
CA GLU A 196 1.11 16.05 11.10
C GLU A 196 0.46 15.55 9.79
N SER A 197 1.18 15.59 8.67
CA SER A 197 0.73 14.91 7.44
C SER A 197 1.02 13.43 7.54
N ALA A 198 0.10 12.74 8.16
CA ALA A 198 0.37 11.42 8.69
C ALA A 198 -0.28 10.28 7.92
N SER A 199 -1.01 10.57 6.86
CA SER A 199 -1.63 9.51 6.10
C SER A 199 -0.53 8.66 5.46
N PRO A 200 -0.54 7.34 5.71
CA PRO A 200 0.44 6.49 5.03
C PRO A 200 0.19 6.42 3.54
N TYR A 201 -1.01 6.81 3.12
CA TYR A 201 -1.44 6.73 1.73
C TYR A 201 -1.26 8.04 0.95
N SER A 202 -0.64 9.04 1.58
CA SER A 202 -0.16 10.24 0.85
C SER A 202 1.35 10.38 1.02
N PRO A 203 2.12 9.33 0.66
CA PRO A 203 3.53 9.37 0.98
C PRO A 203 4.37 10.31 0.12
N SER A 204 5.52 10.70 0.65
CA SER A 204 6.53 11.45 -0.10
C SER A 204 7.10 10.63 -1.24
N SER A 205 7.38 9.37 -0.94
CA SER A 205 7.91 8.42 -1.90
C SER A 205 7.58 6.98 -1.48
N ARG A 206 7.19 6.17 -2.45
CA ARG A 206 7.01 4.73 -2.22
C ARG A 206 8.26 3.88 -2.38
N ARG A 207 9.41 4.49 -2.56
CA ARG A 207 10.68 3.77 -2.62
C ARG A 207 11.39 3.75 -1.28
N TRP A 208 11.08 4.69 -0.39
CA TRP A 208 11.80 4.80 0.89
C TRP A 208 10.86 4.66 2.08
N LEU A 209 11.43 4.67 3.28
CA LEU A 209 10.71 4.30 4.48
C LEU A 209 10.44 5.49 5.41
N ASN A 210 9.40 5.32 6.22
CA ASN A 210 8.97 6.29 7.20
C ASN A 210 9.86 6.17 8.41
N VAL A 211 10.68 7.20 8.62
CA VAL A 211 11.69 7.19 9.67
C VAL A 211 11.11 7.27 11.09
N ILE A 212 9.84 7.64 11.22
CA ILE A 212 9.22 7.68 12.55
C ILE A 212 9.13 6.27 13.22
N TYR A 213 9.23 5.22 12.41
CA TYR A 213 9.12 3.88 12.91
C TYR A 213 10.46 3.33 13.42
N ILE A 214 11.53 4.10 13.26
CA ILE A 214 12.82 3.69 13.80
C ILE A 214 12.70 3.53 15.32
N ASP A 215 13.19 2.40 15.83
CA ASP A 215 13.26 2.15 17.27
C ASP A 215 14.57 2.74 17.77
N VAL A 216 14.49 3.88 18.44
CA VAL A 216 15.69 4.58 18.85
C VAL A 216 16.40 3.84 20.01
N ASN A 217 15.65 3.10 20.82
CA ASN A 217 16.27 2.22 21.83
C ASN A 217 17.28 1.24 21.24
N ALA A 218 17.08 0.85 19.98
CA ALA A 218 17.95 -0.13 19.34
C ALA A 218 19.12 0.48 18.57
N VAL A 219 19.29 1.80 18.65
CA VAL A 219 20.43 2.44 18.01
C VAL A 219 21.55 2.57 19.04
N GLU A 220 22.64 1.82 18.85
CA GLU A 220 23.76 1.80 19.79
C GLU A 220 24.30 3.21 20.05
N ASP A 221 24.43 3.99 18.98
CA ASP A 221 24.97 5.35 19.09
C ASP A 221 24.14 6.32 19.93
N PHE A 222 22.85 6.04 20.05
CA PHE A 222 22.01 6.75 21.01
C PHE A 222 22.51 6.49 22.43
N HIS A 223 22.72 5.21 22.76
CA HIS A 223 23.24 4.84 24.09
C HIS A 223 24.66 5.32 24.35
N LEU A 224 25.48 5.37 23.31
CA LEU A 224 26.88 5.79 23.48
C LEU A 224 27.09 7.30 23.56
N SER A 225 26.08 8.10 23.19
CA SER A 225 26.23 9.55 23.22
C SER A 225 26.00 10.09 24.64
N GLU A 226 27.04 10.64 25.25
CA GLU A 226 26.92 11.30 26.57
C GLU A 226 25.86 12.39 26.52
N GLU A 227 25.90 13.19 25.46
CA GLU A 227 24.93 14.26 25.25
C GLU A 227 23.50 13.71 25.20
N ALA A 228 23.32 12.63 24.43
CA ALA A 228 22.00 12.03 24.26
C ALA A 228 21.47 11.48 25.56
N GLN A 229 22.32 10.86 26.35
CA GLN A 229 21.88 10.28 27.61
C GLN A 229 21.58 11.36 28.67
N ALA A 230 22.36 12.43 28.68
CA ALA A 230 22.06 13.58 29.54
C ALA A 230 20.70 14.19 29.15
N TRP A 231 20.44 14.30 27.85
CA TRP A 231 19.14 14.79 27.37
C TRP A 231 17.98 13.86 27.70
N TRP A 232 18.22 12.56 27.56
CA TRP A 232 17.19 11.54 27.80
C TRP A 232 16.79 11.55 29.27
N GLN A 233 17.79 11.65 30.12
CA GLN A 233 17.59 11.79 31.57
C GLN A 233 16.91 13.08 32.05
N LEU A 234 16.82 14.13 31.26
CA LEU A 234 16.13 15.33 31.77
C LEU A 234 14.69 15.01 32.18
N PRO A 235 14.24 15.56 33.30
CA PRO A 235 12.83 15.47 33.67
C PRO A 235 11.90 15.98 32.59
N THR A 236 12.28 17.08 31.93
CA THR A 236 11.49 17.62 30.83
C THR A 236 11.31 16.61 29.71
N THR A 237 12.38 15.95 29.33
CA THR A 237 12.31 14.94 28.27
C THR A 237 11.43 13.77 28.70
N GLN A 238 11.67 13.27 29.91
CA GLN A 238 10.90 12.16 30.44
C GLN A 238 9.43 12.52 30.58
N GLN A 239 9.16 13.76 30.93
CA GLN A 239 7.79 14.20 31.03
C GLN A 239 7.11 14.30 29.67
N THR A 240 7.82 14.83 28.68
CA THR A 240 7.28 14.92 27.31
C THR A 240 6.98 13.51 26.79
N LEU A 241 7.94 12.61 26.98
CA LEU A 241 7.80 11.20 26.61
C LEU A 241 6.57 10.52 27.26
N GLN A 242 6.36 10.77 28.54
CA GLN A 242 5.24 10.15 29.22
C GLN A 242 3.89 10.68 28.74
N GLN A 243 3.80 11.97 28.46
CA GLN A 243 2.59 12.52 27.91
C GLN A 243 2.31 11.94 26.53
N ALA A 244 3.33 11.85 25.69
CA ALA A 244 3.16 11.25 24.37
C ALA A 244 2.71 9.76 24.46
N ARG A 245 3.30 9.01 25.37
CA ARG A 245 2.93 7.60 25.53
C ARG A 245 1.55 7.44 26.14
N ASP A 246 1.21 8.28 27.13
CA ASP A 246 -0.10 8.19 27.77
C ASP A 246 -1.26 8.59 26.88
N ALA A 247 -1.04 9.48 25.91
CA ALA A 247 -2.13 9.95 25.07
C ALA A 247 -2.82 8.76 24.38
N ASP A 248 -4.13 8.87 24.20
CA ASP A 248 -4.88 7.90 23.43
C ASP A 248 -4.80 8.10 21.92
N TRP A 249 -4.19 9.20 21.50
CA TRP A 249 -4.06 9.55 20.09
C TRP A 249 -2.61 9.88 19.86
N VAL A 250 -2.03 9.37 18.77
CA VAL A 250 -0.61 9.61 18.49
C VAL A 250 -0.39 11.11 18.30
N ASP A 251 0.62 11.66 18.99
CA ASP A 251 1.00 13.08 18.86
C ASP A 251 2.21 13.12 17.92
N TYR A 252 1.95 13.19 16.62
CA TYR A 252 3.01 13.04 15.65
C TYR A 252 4.13 14.09 15.80
N SER A 253 3.78 15.32 16.16
CA SER A 253 4.78 16.40 16.31
C SER A 253 5.73 16.13 17.45
N THR A 254 5.19 15.78 18.60
CA THR A 254 6.02 15.50 19.75
C THR A 254 6.89 14.27 19.50
N VAL A 255 6.29 13.19 19.00
CA VAL A 255 7.05 11.97 18.82
C VAL A 255 8.18 12.21 17.84
N THR A 256 7.91 12.92 16.76
CA THR A 256 8.93 13.17 15.74
C THR A 256 10.05 14.04 16.31
N ALA A 257 9.71 15.07 17.08
CA ALA A 257 10.74 15.92 17.73
C ALA A 257 11.61 15.14 18.70
N LEU A 258 10.99 14.32 19.52
CA LEU A 258 11.75 13.44 20.37
C LEU A 258 12.72 12.60 19.55
N LYS A 259 12.22 11.92 18.52
CA LYS A 259 13.07 10.98 17.81
C LYS A 259 14.18 11.69 17.02
N MSE A 260 13.86 12.81 16.36
CA MSE A 260 14.84 13.54 15.57
C MSE A 260 15.90 14.14 16.46
O MSE A 260 17.09 14.15 16.10
CB MSE A 260 14.22 14.67 14.75
CG MSE A 260 13.27 14.18 13.66
SE MSE A 260 14.13 13.03 12.28
CE MSE A 260 13.34 11.29 12.77
N THR A 261 15.51 14.66 17.60
CA THR A 261 16.47 15.19 18.53
C THR A 261 17.43 14.10 18.98
N ALA A 262 16.91 12.96 19.37
CA ALA A 262 17.74 11.85 19.83
C ALA A 262 18.65 11.35 18.71
N LEU A 263 18.09 11.15 17.53
CA LEU A 263 18.83 10.56 16.43
C LEU A 263 19.90 11.50 15.88
N ARG A 264 19.61 12.81 15.93
CA ARG A 264 20.61 13.75 15.53
C ARG A 264 21.86 13.68 16.44
N MSE A 265 21.64 13.53 17.74
CA MSE A 265 22.74 13.31 18.67
C MSE A 265 23.41 11.95 18.44
O MSE A 265 24.62 11.83 18.48
CB MSE A 265 22.27 13.48 20.11
CG MSE A 265 21.82 14.91 20.37
SE MSE A 265 21.19 15.07 22.24
CE MSE A 265 19.42 14.31 22.13
N ALA A 266 22.63 10.91 18.18
CA ALA A 266 23.22 9.61 17.82
C ALA A 266 24.13 9.74 16.59
N TRP A 267 23.65 10.45 15.58
CA TRP A 267 24.39 10.62 14.34
C TRP A 267 25.79 11.24 14.56
N LYS A 268 25.88 12.23 15.45
CA LYS A 268 27.17 12.87 15.73
C LYS A 268 28.18 11.86 16.22
N GLY A 269 27.70 10.87 16.97
CA GLY A 269 28.54 9.75 17.40
C GLY A 269 28.85 8.81 16.25
N PHE A 270 27.83 8.42 15.48
CA PHE A 270 28.02 7.42 14.42
C PHE A 270 28.99 7.93 13.38
N ALA A 271 28.87 9.22 13.08
CA ALA A 271 29.67 9.85 12.03
C ALA A 271 31.18 9.75 12.25
N GLN A 272 31.60 9.60 13.50
CA GLN A 272 33.03 9.45 13.80
C GLN A 272 33.56 8.01 13.77
N ARG A 273 32.69 7.03 13.58
CA ARG A 273 33.11 5.64 13.45
C ARG A 273 33.98 5.40 12.21
N ASP A 274 34.93 4.48 12.34
CA ASP A 274 35.74 4.01 11.23
C ASP A 274 35.81 2.48 11.32
N ASP A 275 34.69 1.83 11.13
CA ASP A 275 34.54 0.42 11.48
C ASP A 275 33.55 -0.28 10.53
N GLU A 276 33.14 -1.51 10.86
CA GLU A 276 32.24 -2.28 10.01
C GLU A 276 30.90 -1.61 9.82
N GLN A 277 30.41 -0.98 10.88
CA GLN A 277 29.10 -0.31 10.83
C GLN A 277 29.12 0.81 9.80
N MSE A 278 30.13 1.66 9.90
CA MSE A 278 30.34 2.75 8.94
C MSE A 278 30.47 2.23 7.54
O MSE A 278 29.90 2.79 6.62
CB MSE A 278 31.57 3.57 9.31
CG MSE A 278 31.90 4.73 8.35
SE MSE A 278 30.41 6.00 8.06
CE MSE A 278 30.61 7.09 9.70
N ALA A 279 31.25 1.15 7.35
CA ALA A 279 31.42 0.54 6.03
C ALA A 279 30.09 0.05 5.46
N ALA A 280 29.29 -0.59 6.30
CA ALA A 280 27.99 -1.10 5.89
C ALA A 280 27.05 0.03 5.44
N PHE A 281 26.99 1.09 6.25
CA PHE A 281 26.24 2.28 5.88
C PHE A 281 26.71 2.84 4.54
N ARG A 282 28.01 2.98 4.34
CA ARG A 282 28.50 3.49 3.07
C ARG A 282 28.18 2.58 1.90
N GLN A 283 28.38 1.29 2.10
CA GLN A 283 28.04 0.28 1.11
C GLN A 283 26.58 0.45 0.68
N PHE A 284 25.69 0.47 1.67
CA PHE A 284 24.27 0.68 1.44
C PHE A 284 24.02 1.93 0.61
N VAL A 285 24.62 3.04 1.03
CA VAL A 285 24.43 4.29 0.30
C VAL A 285 24.89 4.17 -1.15
N ALA A 286 26.07 3.58 -1.36
CA ALA A 286 26.61 3.44 -2.70
C ALA A 286 25.68 2.55 -3.56
N GLU A 287 25.18 1.45 -3.00
CA GLU A 287 24.33 0.53 -3.76
C GLU A 287 22.98 1.11 -4.17
N GLN A 288 22.38 1.93 -3.31
CA GLN A 288 21.04 2.47 -3.59
C GLN A 288 21.08 3.68 -4.49
N GLY A 289 22.24 4.31 -4.61
CA GLY A 289 22.44 5.31 -5.65
C GLY A 289 21.57 6.57 -5.59
N ASP A 290 21.23 7.09 -6.76
CA ASP A 290 20.59 8.38 -6.86
C ASP A 290 19.22 8.43 -6.20
N SER A 291 18.46 7.33 -6.25
CA SER A 291 17.13 7.32 -5.68
C SER A 291 17.19 7.65 -4.18
N LEU A 292 18.11 7.01 -3.47
CA LEU A 292 18.27 7.29 -2.06
C LEU A 292 18.80 8.70 -1.84
N PHE A 293 19.79 9.11 -2.63
CA PHE A 293 20.39 10.42 -2.47
C PHE A 293 19.32 11.50 -2.53
N TRP A 294 18.43 11.41 -3.51
CA TRP A 294 17.42 12.45 -3.72
C TRP A 294 16.32 12.49 -2.66
N GLN A 295 16.01 11.34 -2.08
CA GLN A 295 15.12 11.23 -0.93
C GLN A 295 15.69 12.02 0.24
N ALA A 296 16.97 11.78 0.52
CA ALA A 296 17.68 12.47 1.60
C ALA A 296 17.83 13.96 1.32
N ALA A 297 18.14 14.32 0.08
CA ALA A 297 18.26 15.71 -0.28
C ALA A 297 16.91 16.39 -0.10
N PHE A 298 15.83 15.72 -0.52
CA PHE A 298 14.51 16.26 -0.31
C PHE A 298 14.23 16.49 1.18
N ASP A 299 14.53 15.50 2.02
CA ASP A 299 14.23 15.64 3.45
C ASP A 299 15.08 16.75 4.11
N ALA A 300 16.34 16.87 3.71
CA ALA A 300 17.20 17.94 4.20
C ALA A 300 16.70 19.32 3.77
N LEU A 301 16.31 19.46 2.52
CA LEU A 301 15.79 20.74 2.01
C LEU A 301 14.48 21.09 2.69
N HIS A 302 13.59 20.10 2.82
CA HIS A 302 12.30 20.35 3.42
C HIS A 302 12.48 20.82 4.87
N ALA A 303 13.41 20.21 5.59
CA ALA A 303 13.71 20.59 6.96
C ALA A 303 14.17 22.04 7.05
N GLN A 304 15.01 22.44 6.11
CA GLN A 304 15.49 23.83 6.07
C GLN A 304 14.32 24.79 5.77
N GLN A 305 13.48 24.41 4.83
CA GLN A 305 12.35 25.25 4.43
C GLN A 305 11.32 25.47 5.54
N VAL A 306 10.98 24.42 6.31
CA VAL A 306 10.04 24.62 7.42
C VAL A 306 10.63 25.44 8.57
N LYS A 307 11.96 25.46 8.70
CA LYS A 307 12.63 26.39 9.61
C LYS A 307 12.37 27.83 9.19
N GLU A 308 12.44 28.10 7.89
CA GLU A 308 12.08 29.43 7.40
C GLU A 308 10.57 29.74 7.47
N ASP A 309 9.73 28.73 7.27
CA ASP A 309 8.28 28.92 7.38
C ASP A 309 7.61 27.56 7.55
N GLU A 310 7.03 27.30 8.71
CA GLU A 310 6.43 25.99 9.00
C GLU A 310 5.34 25.54 8.02
N MSE A 311 4.70 26.48 7.32
CA MSE A 311 3.62 26.15 6.39
C MSE A 311 4.11 25.70 5.03
O MSE A 311 3.30 25.43 4.13
CB MSE A 311 2.66 27.34 6.33
CG MSE A 311 2.00 27.65 7.70
SE MSE A 311 0.99 26.09 8.41
CE MSE A 311 1.00 26.61 10.32
N ARG A 312 5.43 25.58 4.83
CA ARG A 312 5.97 25.04 3.58
C ARG A 312 5.90 23.49 3.52
N TRP A 313 4.81 23.03 2.95
CA TRP A 313 4.38 21.65 3.03
C TRP A 313 5.06 20.70 2.01
N GLY A 314 5.64 21.23 0.95
CA GLY A 314 6.22 20.40 -0.09
C GLY A 314 6.81 21.30 -1.14
N TRP A 315 7.40 20.70 -2.18
CA TRP A 315 8.17 21.49 -3.15
C TRP A 315 7.38 22.61 -3.86
N PRO A 316 6.06 22.44 -4.12
CA PRO A 316 5.34 23.56 -4.75
C PRO A 316 5.23 24.82 -3.87
N ALA A 317 5.40 24.67 -2.55
CA ALA A 317 5.41 25.83 -1.65
C ALA A 317 6.82 26.37 -1.40
N TRP A 318 7.83 25.88 -2.10
CA TRP A 318 9.18 26.39 -1.90
C TRP A 318 9.50 27.46 -2.91
N PRO A 319 10.55 28.28 -2.66
CA PRO A 319 11.04 29.20 -3.69
C PRO A 319 11.26 28.50 -5.02
N GLU A 320 11.03 29.22 -6.12
CA GLU A 320 11.10 28.62 -7.46
C GLU A 320 12.45 27.94 -7.68
N MSE A 321 13.51 28.56 -7.17
CA MSE A 321 14.85 28.02 -7.30
C MSE A 321 14.99 26.61 -6.80
O MSE A 321 15.82 25.86 -7.31
CB MSE A 321 15.82 28.99 -6.59
CG MSE A 321 16.07 28.66 -5.12
SE MSE A 321 17.13 30.10 -4.25
CE MSE A 321 18.81 29.28 -3.68
N TYR A 322 14.21 26.22 -5.79
CA TYR A 322 14.28 24.85 -5.26
C TYR A 322 13.24 23.87 -5.83
N GLN A 323 12.28 24.38 -6.62
CA GLN A 323 11.25 23.53 -7.20
C GLN A 323 11.78 22.67 -8.33
N ASN A 324 12.79 23.15 -9.02
CA ASN A 324 13.44 22.37 -10.04
C ASN A 324 14.57 21.58 -9.39
N VAL A 325 14.38 20.27 -9.33
CA VAL A 325 15.33 19.38 -8.69
C VAL A 325 16.73 19.46 -9.30
N ASP A 326 16.82 19.92 -10.55
CA ASP A 326 18.10 19.98 -11.28
C ASP A 326 18.74 21.37 -11.30
N SER A 327 18.19 22.34 -10.57
CA SER A 327 18.71 23.69 -10.61
C SER A 327 20.07 23.75 -9.93
N PRO A 328 20.89 24.73 -10.31
CA PRO A 328 22.22 24.86 -9.70
C PRO A 328 22.18 25.16 -8.19
N GLU A 329 21.12 25.80 -7.71
CA GLU A 329 21.06 26.10 -6.28
C GLU A 329 20.55 24.95 -5.41
N VAL A 330 19.85 23.99 -6.00
CA VAL A 330 19.59 22.73 -5.32
C VAL A 330 20.94 22.02 -5.12
N ARG A 331 21.75 21.97 -6.18
CA ARG A 331 23.07 21.36 -6.08
C ARG A 331 23.93 22.07 -5.04
N GLN A 332 23.89 23.40 -5.04
CA GLN A 332 24.60 24.17 -4.04
C GLN A 332 24.11 23.88 -2.64
N PHE A 333 22.78 23.79 -2.47
CA PHE A 333 22.25 23.52 -1.15
C PHE A 333 22.80 22.20 -0.65
N CYS A 334 22.81 21.20 -1.53
CA CYS A 334 23.33 19.87 -1.18
C CYS A 334 24.82 19.90 -0.82
N GLU A 335 25.62 20.64 -1.58
CA GLU A 335 27.05 20.75 -1.28
C GLU A 335 27.34 21.46 0.05
N GLU A 336 26.53 22.46 0.38
CA GLU A 336 26.66 23.18 1.63
C GLU A 336 26.02 22.49 2.85
N HIS A 337 25.18 21.49 2.64
CA HIS A 337 24.51 20.79 3.75
C HIS A 337 24.76 19.30 3.66
N ARG A 338 26.01 18.95 3.38
CA ARG A 338 26.42 17.57 3.21
C ARG A 338 26.08 16.74 4.44
N ASP A 339 26.26 17.32 5.62
CA ASP A 339 25.98 16.60 6.86
C ASP A 339 24.50 16.36 7.10
N ASP A 340 23.65 17.34 6.79
CA ASP A 340 22.19 17.14 6.86
C ASP A 340 21.76 16.03 5.88
N VAL A 341 22.26 16.08 4.65
CA VAL A 341 21.92 15.05 3.68
C VAL A 341 22.37 13.70 4.22
N ASP A 342 23.59 13.65 4.75
CA ASP A 342 24.12 12.42 5.33
C ASP A 342 23.24 11.85 6.43
N PHE A 343 22.72 12.73 7.28
CA PHE A 343 21.85 12.32 8.38
C PHE A 343 20.61 11.61 7.85
N TYR A 344 19.98 12.18 6.83
CA TYR A 344 18.78 11.55 6.28
C TYR A 344 19.06 10.25 5.52
N LEU A 345 20.26 10.10 4.97
CA LEU A 345 20.68 8.83 4.38
C LEU A 345 20.78 7.79 5.47
N TRP A 346 21.46 8.14 6.55
CA TRP A 346 21.56 7.30 7.76
C TRP A 346 20.21 6.84 8.33
N LEU A 347 19.22 7.72 8.35
CA LEU A 347 17.90 7.34 8.82
C LEU A 347 17.26 6.27 7.91
N GLN A 348 17.40 6.42 6.60
CA GLN A 348 16.92 5.38 5.68
C GLN A 348 17.67 4.06 5.89
N TRP A 349 18.95 4.12 6.23
CA TRP A 349 19.70 2.91 6.52
C TRP A 349 19.20 2.24 7.80
N LEU A 350 18.95 3.03 8.84
CA LEU A 350 18.47 2.48 10.10
C LEU A 350 17.08 1.85 9.93
N ALA A 351 16.18 2.54 9.23
CA ALA A 351 14.83 2.04 9.01
C ALA A 351 14.88 0.72 8.22
N TYR A 352 15.62 0.75 7.13
CA TYR A 352 15.85 -0.42 6.33
C TYR A 352 16.36 -1.60 7.18
N SER A 353 17.41 -1.36 7.94
CA SER A 353 18.03 -2.40 8.75
C SER A 353 17.12 -2.95 9.83
N GLN A 354 16.31 -2.08 10.42
CA GLN A 354 15.41 -2.53 11.47
C GLN A 354 14.26 -3.32 10.90
N PHE A 355 13.76 -2.91 9.74
CA PHE A 355 12.71 -3.68 9.13
C PHE A 355 13.25 -5.05 8.68
N ALA A 356 14.48 -5.09 8.16
CA ALA A 356 15.15 -6.36 7.79
C ALA A 356 15.28 -7.29 8.97
N ALA A 357 15.65 -6.74 10.12
CA ALA A 357 15.75 -7.55 11.34
C ALA A 357 14.38 -8.19 11.69
N CYS A 358 13.29 -7.45 11.48
CA CYS A 358 11.95 -7.97 11.72
C CYS A 358 11.63 -9.15 10.80
N TRP A 359 11.99 -9.00 9.53
CA TRP A 359 11.81 -10.05 8.53
C TRP A 359 12.56 -11.34 8.94
N GLU A 360 13.81 -11.18 9.35
CA GLU A 360 14.67 -12.28 9.74
C GLU A 360 14.10 -13.05 10.88
N ILE A 361 13.64 -12.33 11.89
CA ILE A 361 12.94 -12.93 13.02
C ILE A 361 11.68 -13.67 12.59
N SER A 362 10.89 -13.10 11.70
CA SER A 362 9.68 -13.78 11.24
C SER A 362 10.02 -15.13 10.64
N GLN A 363 11.15 -15.17 9.93
CA GLN A 363 11.56 -16.40 9.25
C GLN A 363 12.22 -17.38 10.22
N GLY A 364 12.93 -16.88 11.23
CA GLY A 364 13.46 -17.73 12.29
C GLY A 364 12.34 -18.49 13.00
N TYR A 365 11.17 -17.85 13.08
CA TYR A 365 9.97 -18.46 13.66
C TYR A 365 9.14 -19.28 12.67
N GLU A 366 9.72 -19.59 11.51
CA GLU A 366 9.10 -20.46 10.50
C GLU A 366 7.77 -19.97 9.93
N MSE A 367 7.53 -18.65 9.94
CA MSE A 367 6.28 -18.09 9.41
C MSE A 367 6.27 -18.14 7.89
O MSE A 367 7.18 -17.61 7.26
CB MSE A 367 6.10 -16.66 9.90
CG MSE A 367 5.74 -16.61 11.38
SE MSE A 367 6.07 -14.78 12.07
CE MSE A 367 4.16 -14.35 12.32
N PRO A 368 5.24 -18.77 7.29
CA PRO A 368 5.18 -18.91 5.81
C PRO A 368 5.11 -17.59 5.07
N ILE A 369 4.59 -16.55 5.71
CA ILE A 369 4.53 -15.23 5.10
C ILE A 369 5.37 -14.24 5.89
N GLY A 370 5.18 -14.19 7.22
CA GLY A 370 6.06 -13.41 8.07
C GLY A 370 5.59 -11.97 8.15
N LEU A 371 5.94 -11.20 7.13
CA LEU A 371 5.54 -9.80 7.04
C LEU A 371 4.80 -9.59 5.74
N TYR A 372 3.73 -8.84 5.85
CA TYR A 372 2.79 -8.55 4.79
C TYR A 372 2.77 -7.04 4.66
N ARG A 373 3.47 -6.52 3.65
CA ARG A 373 3.57 -5.07 3.42
C ARG A 373 2.42 -4.57 2.61
N ASP A 374 2.22 -3.26 2.61
CA ASP A 374 1.16 -2.58 1.86
C ASP A 374 1.82 -1.55 0.93
N LEU A 375 1.37 -1.51 -0.31
CA LEU A 375 1.86 -0.56 -1.31
C LEU A 375 0.70 0.38 -1.65
N ALA A 376 0.84 1.65 -1.29
CA ALA A 376 -0.12 2.69 -1.59
C ALA A 376 -0.27 2.88 -3.08
N VAL A 377 -1.42 3.38 -3.48
CA VAL A 377 -1.74 3.51 -4.89
C VAL A 377 -1.17 4.79 -5.50
N GLY A 378 -0.76 5.76 -4.67
CA GLY A 378 -0.07 6.92 -5.22
C GLY A 378 0.83 7.65 -4.24
N VAL A 379 1.39 8.75 -4.71
CA VAL A 379 2.19 9.66 -3.91
C VAL A 379 1.54 11.03 -3.81
N ALA A 380 1.97 11.78 -2.80
CA ALA A 380 1.53 13.15 -2.62
C ALA A 380 2.13 14.03 -3.70
N GLU A 381 1.42 15.10 -4.04
CA GLU A 381 1.82 15.98 -5.11
C GLU A 381 3.12 16.71 -4.85
N GLY A 382 3.42 17.00 -3.58
CA GLY A 382 4.55 17.86 -3.26
C GLY A 382 5.70 17.16 -2.57
N GLY A 383 5.77 15.82 -2.69
CA GLY A 383 6.83 15.03 -2.07
C GLY A 383 8.05 14.75 -2.94
N ALA A 384 8.95 13.90 -2.42
CA ALA A 384 10.21 13.61 -3.07
C ALA A 384 10.06 12.91 -4.43
N GLU A 385 9.13 11.95 -4.51
CA GLU A 385 8.88 11.21 -5.78
C GLU A 385 8.50 12.16 -6.91
N THR A 386 7.57 13.09 -6.68
CA THR A 386 7.21 14.05 -7.75
C THR A 386 8.26 15.13 -7.99
N TRP A 387 9.03 15.50 -6.98
CA TRP A 387 10.13 16.44 -7.15
C TRP A 387 11.18 15.91 -8.13
N CYS A 388 11.43 14.62 -8.02
CA CYS A 388 12.49 13.91 -8.73
C CYS A 388 12.14 13.52 -10.13
N ASP A 389 10.87 13.28 -10.39
CA ASP A 389 10.47 12.79 -11.69
C ASP A 389 9.13 13.38 -12.07
N ARG A 390 9.12 14.69 -12.21
CA ARG A 390 7.90 15.44 -12.46
C ARG A 390 7.16 15.01 -13.72
N GLU A 391 7.92 14.66 -14.76
CA GLU A 391 7.37 14.30 -16.06
C GLU A 391 6.48 13.09 -16.02
N LEU A 392 6.71 12.22 -15.04
CA LEU A 392 5.97 10.99 -14.92
C LEU A 392 4.53 11.21 -14.45
N TYR A 393 4.30 12.28 -13.69
CA TYR A 393 3.03 12.50 -13.00
C TYR A 393 2.19 13.60 -13.67
N CYS A 394 0.87 13.41 -13.69
CA CYS A 394 -0.04 14.41 -14.23
C CYS A 394 -0.60 15.26 -13.09
N LEU A 395 0.14 16.33 -12.79
CA LEU A 395 -0.18 17.19 -11.67
C LEU A 395 -1.51 17.94 -11.81
N LYS A 396 -2.06 18.06 -13.03
CA LYS A 396 -3.37 18.70 -13.19
C LYS A 396 -4.58 17.78 -12.97
N ALA A 397 -4.35 16.55 -12.54
CA ALA A 397 -5.41 15.63 -12.14
C ALA A 397 -5.10 15.04 -10.80
N SER A 398 -6.13 14.50 -10.13
CA SER A 398 -5.98 13.82 -8.86
C SER A 398 -6.73 12.47 -8.90
N VAL A 399 -6.14 11.45 -8.30
CA VAL A 399 -6.75 10.15 -8.19
C VAL A 399 -7.78 10.16 -7.06
N GLY A 400 -8.88 9.48 -7.27
CA GLY A 400 -9.89 9.31 -6.23
C GLY A 400 -10.77 8.12 -6.56
N ALA A 401 -12.04 8.21 -6.16
CA ALA A 401 -13.02 7.18 -6.44
C ALA A 401 -14.38 7.79 -6.73
N PRO A 402 -15.14 7.19 -7.64
CA PRO A 402 -16.43 7.76 -8.00
C PRO A 402 -17.43 7.61 -6.86
N PRO A 403 -18.49 8.43 -6.86
CA PRO A 403 -19.56 8.22 -5.89
C PRO A 403 -19.99 6.76 -5.81
N ASP A 404 -20.12 6.24 -4.59
CA ASP A 404 -20.51 4.84 -4.40
C ASP A 404 -21.42 4.64 -3.16
N ILE A 405 -21.58 3.40 -2.69
CA ILE A 405 -22.63 3.08 -1.71
C ILE A 405 -22.34 3.75 -0.37
N LEU A 406 -21.21 3.43 0.23
CA LEU A 406 -20.86 3.96 1.54
C LEU A 406 -20.13 5.31 1.49
N GLY A 407 -19.70 5.75 0.31
CA GLY A 407 -19.16 7.11 0.08
C GLY A 407 -19.88 7.77 -1.08
N PRO A 408 -21.13 8.20 -0.86
CA PRO A 408 -21.92 8.77 -1.96
C PRO A 408 -21.43 10.12 -2.52
N LEU A 409 -20.49 10.78 -1.85
CA LEU A 409 -19.86 11.96 -2.44
C LEU A 409 -18.67 11.59 -3.32
N GLY A 410 -18.24 10.34 -3.26
CA GLY A 410 -16.99 9.93 -3.88
C GLY A 410 -15.82 10.41 -3.04
N GLN A 411 -14.61 10.16 -3.50
CA GLN A 411 -13.40 10.58 -2.79
C GLN A 411 -12.41 11.18 -3.74
N ASN A 412 -11.76 12.27 -3.29
CA ASN A 412 -10.62 12.85 -3.97
C ASN A 412 -9.39 12.73 -3.09
N TRP A 413 -8.49 11.84 -3.46
CA TRP A 413 -7.32 11.56 -2.61
C TRP A 413 -6.16 12.50 -2.80
N GLY A 414 -6.22 13.36 -3.81
CA GLY A 414 -5.20 14.38 -4.00
C GLY A 414 -3.88 13.87 -4.55
N LEU A 415 -3.86 12.66 -5.10
CA LEU A 415 -2.61 12.05 -5.57
C LEU A 415 -2.51 12.23 -7.08
N PRO A 416 -1.39 12.81 -7.57
CA PRO A 416 -1.29 12.96 -9.02
C PRO A 416 -1.02 11.62 -9.70
N PRO A 417 -1.83 11.22 -10.69
CA PRO A 417 -1.64 9.88 -11.27
C PRO A 417 -0.42 9.80 -12.18
N MSE A 418 0.17 8.62 -12.26
CA MSE A 418 1.19 8.34 -13.30
C MSE A 418 0.50 8.32 -14.64
O MSE A 418 -0.56 7.68 -14.80
CB MSE A 418 1.86 7.00 -13.14
CG MSE A 418 2.85 6.95 -11.99
SE MSE A 418 3.86 5.24 -12.09
CE MSE A 418 4.57 5.33 -10.27
N ASP A 419 1.11 8.97 -15.61
CA ASP A 419 0.62 8.96 -16.97
C ASP A 419 0.84 7.54 -17.60
N PRO A 420 -0.24 6.85 -17.98
CA PRO A 420 -0.13 5.46 -18.47
C PRO A 420 0.73 5.31 -19.72
N HIS A 421 0.79 6.35 -20.55
CA HIS A 421 1.63 6.34 -21.75
C HIS A 421 3.11 6.49 -21.43
N ILE A 422 3.45 7.19 -20.36
CA ILE A 422 4.83 7.29 -19.97
C ILE A 422 5.33 6.01 -19.32
N ILE A 423 4.49 5.35 -18.54
CA ILE A 423 4.84 4.04 -17.97
C ILE A 423 5.28 3.03 -19.05
N THR A 424 4.50 2.92 -20.12
CA THR A 424 4.82 2.00 -21.21
C THR A 424 6.02 2.49 -22.03
N ALA A 425 6.09 3.80 -22.27
CA ALA A 425 7.21 4.41 -23.01
C ALA A 425 8.53 4.23 -22.29
N ARG A 426 8.49 4.12 -20.96
CA ARG A 426 9.68 3.78 -20.19
C ARG A 426 9.85 2.27 -19.99
N ALA A 427 9.15 1.46 -20.80
CA ALA A 427 9.19 0.01 -20.71
C ALA A 427 8.90 -0.51 -19.33
N TYR A 428 7.96 0.14 -18.64
CA TYR A 428 7.47 -0.24 -17.31
C TYR A 428 8.47 -0.05 -16.15
N GLU A 429 9.58 0.63 -16.41
CA GLU A 429 10.59 0.89 -15.38
C GLU A 429 10.02 1.42 -14.05
N PRO A 430 9.11 2.41 -14.10
CA PRO A 430 8.67 2.91 -12.79
C PRO A 430 7.89 1.88 -11.99
N PHE A 431 7.08 1.08 -12.67
CA PHE A 431 6.31 -0.01 -12.03
C PHE A 431 7.26 -1.08 -11.49
N ILE A 432 8.22 -1.50 -12.31
CA ILE A 432 9.21 -2.49 -11.88
C ILE A 432 9.94 -2.04 -10.60
N GLU A 433 10.42 -0.79 -10.59
CA GLU A 433 11.21 -0.30 -9.46
C GLU A 433 10.37 -0.19 -8.20
N LEU A 434 9.11 0.12 -8.38
CA LEU A 434 8.19 0.20 -7.26
C LEU A 434 8.06 -1.17 -6.58
N LEU A 435 7.93 -2.21 -7.39
CA LEU A 435 7.76 -3.56 -6.85
C LEU A 435 9.05 -4.05 -6.20
N ARG A 436 10.17 -3.77 -6.81
CA ARG A 436 11.46 -4.12 -6.23
C ARG A 436 11.71 -3.47 -4.89
N ALA A 437 11.22 -2.24 -4.72
CA ALA A 437 11.36 -1.55 -3.46
C ALA A 437 10.43 -2.14 -2.42
N ASN A 438 9.24 -2.55 -2.82
CA ASN A 438 8.23 -2.92 -1.84
C ASN A 438 8.10 -4.43 -1.58
N MSE A 439 8.83 -5.24 -2.31
CA MSE A 439 8.76 -6.70 -2.15
C MSE A 439 9.95 -7.22 -1.42
O MSE A 439 10.08 -8.41 -1.23
CB MSE A 439 8.66 -7.40 -3.50
CG MSE A 439 7.26 -7.26 -4.12
SE MSE A 439 7.11 -8.27 -5.81
CE MSE A 439 5.15 -8.29 -5.95
N GLN A 440 10.83 -6.33 -0.94
CA GLN A 440 11.98 -6.74 -0.16
C GLN A 440 11.58 -7.05 1.28
N ASN A 441 12.20 -8.07 1.84
CA ASN A 441 12.08 -8.36 3.27
C ASN A 441 10.65 -8.55 3.71
N CYS A 442 9.87 -9.23 2.88
CA CYS A 442 8.52 -9.58 3.24
C CYS A 442 8.06 -10.80 2.43
N GLY A 443 6.97 -11.42 2.87
CA GLY A 443 6.43 -12.60 2.20
C GLY A 443 5.17 -12.38 1.40
N ALA A 444 4.56 -11.22 1.56
CA ALA A 444 3.37 -10.83 0.83
C ALA A 444 3.30 -9.32 0.72
N LEU A 445 2.70 -8.87 -0.38
CA LEU A 445 2.48 -7.47 -0.63
C LEU A 445 1.01 -7.22 -0.95
N ARG A 446 0.41 -6.32 -0.19
CA ARG A 446 -0.94 -5.85 -0.44
C ARG A 446 -0.90 -4.75 -1.51
N ILE A 447 -1.66 -4.92 -2.58
CA ILE A 447 -1.82 -3.86 -3.54
C ILE A 447 -3.10 -3.13 -3.21
N ASP A 448 -2.93 -1.98 -2.57
CA ASP A 448 -4.01 -1.05 -2.34
C ASP A 448 -4.73 -0.70 -3.67
N HIS A 449 -6.05 -0.80 -3.69
CA HIS A 449 -6.84 -0.36 -4.85
C HIS A 449 -6.29 -1.00 -6.13
N VAL A 450 -6.31 -2.32 -6.15
CA VAL A 450 -5.65 -3.11 -7.18
C VAL A 450 -6.27 -2.95 -8.56
N MSE A 451 -7.49 -2.43 -8.62
CA MSE A 451 -8.15 -2.10 -9.90
C MSE A 451 -7.33 -1.11 -10.73
O MSE A 451 -7.56 -1.00 -11.95
CB MSE A 451 -9.57 -1.54 -9.66
CG MSE A 451 -10.48 -2.49 -8.85
SE MSE A 451 -10.45 -1.97 -6.93
CE MSE A 451 -11.78 -0.51 -6.98
N SER A 452 -6.39 -0.40 -10.10
CA SER A 452 -5.49 0.57 -10.74
C SER A 452 -4.69 0.02 -11.91
N MSE A 453 -4.41 -1.27 -11.86
CA MSE A 453 -3.81 -2.01 -12.95
C MSE A 453 -4.60 -1.91 -14.26
O MSE A 453 -4.02 -1.92 -15.35
CB MSE A 453 -3.79 -3.43 -12.45
CG MSE A 453 -2.49 -4.12 -12.81
SE MSE A 453 -1.25 -4.15 -11.28
CE MSE A 453 -2.39 -5.35 -10.20
N LEU A 454 -5.93 -1.82 -14.14
CA LEU A 454 -6.80 -1.62 -15.29
C LEU A 454 -7.24 -0.18 -15.49
N ARG A 455 -7.60 0.51 -14.39
CA ARG A 455 -8.15 1.87 -14.53
C ARG A 455 -8.06 2.63 -13.22
N LEU A 456 -7.94 3.96 -13.31
CA LEU A 456 -8.01 4.86 -12.14
C LEU A 456 -9.00 5.98 -12.41
N TRP A 457 -9.74 6.34 -11.37
CA TRP A 457 -10.65 7.49 -11.43
C TRP A 457 -9.82 8.77 -11.31
N TRP A 458 -9.65 9.48 -12.42
CA TRP A 458 -8.94 10.76 -12.45
C TRP A 458 -9.94 11.90 -12.32
N ILE A 459 -9.63 12.83 -11.44
CA ILE A 459 -10.47 14.01 -11.20
C ILE A 459 -9.70 15.27 -11.59
N PRO A 460 -10.33 16.19 -12.32
CA PRO A 460 -9.63 17.44 -12.59
C PRO A 460 -9.16 18.13 -11.31
N TYR A 461 -7.95 18.64 -11.30
CA TYR A 461 -7.39 19.18 -10.05
C TYR A 461 -8.34 20.21 -9.42
N GLY A 462 -8.61 20.07 -8.13
CA GLY A 462 -9.43 21.02 -7.40
C GLY A 462 -10.93 20.76 -7.47
N GLU A 463 -11.35 19.71 -8.17
CA GLU A 463 -12.76 19.42 -8.32
C GLU A 463 -13.21 18.33 -7.38
N THR A 464 -14.52 18.22 -7.23
CA THR A 464 -15.11 17.17 -6.41
C THR A 464 -15.14 15.89 -7.25
N ALA A 465 -15.13 14.76 -6.56
CA ALA A 465 -14.98 13.44 -7.15
C ALA A 465 -16.00 13.13 -8.26
N ASP A 466 -17.22 13.67 -8.13
CA ASP A 466 -18.24 13.41 -9.14
C ASP A 466 -17.88 13.97 -10.51
N GLN A 467 -16.85 14.84 -10.58
CA GLN A 467 -16.37 15.39 -11.87
C GLN A 467 -15.30 14.51 -12.56
N GLY A 468 -14.98 13.35 -11.98
CA GLY A 468 -13.93 12.50 -12.52
C GLY A 468 -14.31 11.56 -13.67
N ALA A 469 -13.34 10.78 -14.10
CA ALA A 469 -13.58 9.70 -15.07
C ALA A 469 -12.47 8.66 -15.00
N TYR A 470 -12.79 7.47 -15.49
CA TYR A 470 -11.85 6.36 -15.47
C TYR A 470 -10.87 6.49 -16.65
N VAL A 471 -9.58 6.35 -16.35
CA VAL A 471 -8.53 6.33 -17.35
C VAL A 471 -7.86 4.94 -17.39
N HIS A 472 -7.60 4.43 -18.60
CA HIS A 472 -7.10 3.05 -18.82
C HIS A 472 -5.60 2.89 -18.53
N TYR A 473 -5.26 1.80 -17.85
CA TYR A 473 -3.88 1.36 -17.68
C TYR A 473 -3.71 -0.02 -18.33
N PRO A 474 -2.47 -0.36 -18.78
CA PRO A 474 -2.25 -1.59 -19.57
C PRO A 474 -2.20 -2.84 -18.70
N VAL A 475 -3.38 -3.31 -18.34
CA VAL A 475 -3.54 -4.35 -17.32
C VAL A 475 -2.77 -5.65 -17.60
N ASP A 476 -2.79 -6.10 -18.85
CA ASP A 476 -2.19 -7.41 -19.18
C ASP A 476 -0.69 -7.36 -18.97
N ASP A 477 -0.04 -6.30 -19.43
CA ASP A 477 1.39 -6.15 -19.18
C ASP A 477 1.70 -5.97 -17.70
N LEU A 478 0.94 -5.13 -17.00
CA LEU A 478 1.22 -4.89 -15.58
C LEU A 478 1.07 -6.16 -14.75
N LEU A 479 0.03 -6.94 -15.01
CA LEU A 479 -0.19 -8.18 -14.26
C LEU A 479 0.92 -9.22 -14.53
N SER A 480 1.40 -9.30 -15.76
CA SER A 480 2.50 -10.21 -16.06
C SER A 480 3.77 -9.80 -15.31
N ILE A 481 4.07 -8.51 -15.33
CA ILE A 481 5.24 -7.99 -14.65
C ILE A 481 5.13 -8.22 -13.15
N LEU A 482 3.94 -8.00 -12.61
CA LEU A 482 3.69 -8.24 -11.21
C LEU A 482 3.96 -9.70 -10.87
N ALA A 483 3.50 -10.62 -11.70
CA ALA A 483 3.73 -12.05 -11.46
C ALA A 483 5.20 -12.38 -11.52
N LEU A 484 5.90 -11.81 -12.49
CA LEU A 484 7.32 -12.01 -12.61
C LEU A 484 8.06 -11.52 -11.39
N GLU A 485 7.77 -10.30 -10.93
CA GLU A 485 8.49 -9.76 -9.76
C GLU A 485 8.09 -10.52 -8.49
N SER A 486 6.83 -10.91 -8.39
CA SER A 486 6.37 -11.77 -7.28
C SER A 486 7.20 -13.07 -7.19
N LYS A 487 7.40 -13.74 -8.32
CA LYS A 487 8.17 -14.99 -8.32
C LYS A 487 9.62 -14.77 -7.95
N ARG A 488 10.23 -13.75 -8.53
CA ARG A 488 11.64 -13.45 -8.29
C ARG A 488 11.90 -13.09 -6.82
N HIS A 489 10.94 -12.43 -6.15
CA HIS A 489 11.08 -12.10 -4.71
C HIS A 489 10.45 -13.12 -3.75
N ARG A 490 9.81 -14.16 -4.26
CA ARG A 490 8.99 -15.04 -3.44
C ARG A 490 8.10 -14.21 -2.52
N CYS A 491 7.35 -13.30 -3.13
CA CYS A 491 6.44 -12.44 -2.42
C CYS A 491 5.05 -12.59 -3.01
N MSE A 492 4.11 -13.13 -2.25
CA MSE A 492 2.76 -13.31 -2.76
C MSE A 492 2.06 -11.98 -2.87
O MSE A 492 2.47 -10.99 -2.26
CB MSE A 492 1.98 -14.35 -1.98
CG MSE A 492 1.64 -13.89 -0.57
SE MSE A 492 0.52 -15.28 0.27
CE MSE A 492 -0.98 -15.28 -1.01
N VAL A 493 1.00 -11.96 -3.65
CA VAL A 493 0.27 -10.75 -3.90
C VAL A 493 -1.19 -10.85 -3.54
N ILE A 494 -1.64 -9.89 -2.73
CA ILE A 494 -3.02 -9.79 -2.30
C ILE A 494 -3.53 -8.45 -2.78
N GLY A 495 -4.59 -8.50 -3.59
CA GLY A 495 -5.15 -7.30 -4.16
C GLY A 495 -6.37 -6.84 -3.39
N GLU A 496 -6.36 -5.59 -2.95
CA GLU A 496 -7.57 -4.98 -2.41
C GLU A 496 -8.47 -4.58 -3.56
N ASP A 497 -9.39 -5.48 -3.88
CA ASP A 497 -10.30 -5.36 -4.99
C ASP A 497 -11.64 -4.95 -4.42
N LEU A 498 -11.68 -3.76 -3.78
CA LEU A 498 -12.89 -3.30 -3.12
C LEU A 498 -13.31 -1.93 -3.64
N GLY A 499 -14.60 -1.80 -3.91
CA GLY A 499 -15.18 -0.53 -4.24
C GLY A 499 -15.99 -0.68 -5.52
N THR A 500 -15.75 0.21 -6.48
CA THR A 500 -16.39 0.12 -7.79
C THR A 500 -15.46 -0.65 -8.74
N VAL A 501 -15.71 -1.96 -8.82
CA VAL A 501 -14.80 -2.90 -9.48
C VAL A 501 -15.29 -3.27 -10.88
N PRO A 502 -14.45 -3.09 -11.90
CA PRO A 502 -14.86 -3.50 -13.23
C PRO A 502 -14.83 -5.01 -13.37
N VAL A 503 -15.90 -5.59 -13.91
CA VAL A 503 -15.97 -7.05 -14.13
C VAL A 503 -14.75 -7.60 -14.91
N GLU A 504 -14.25 -6.85 -15.89
CA GLU A 504 -13.11 -7.27 -16.70
C GLU A 504 -11.90 -7.74 -15.88
N ILE A 505 -11.64 -7.12 -14.73
CA ILE A 505 -10.41 -7.42 -13.99
C ILE A 505 -10.52 -8.63 -13.09
N VAL A 506 -11.73 -9.05 -12.76
CA VAL A 506 -11.89 -10.07 -11.73
C VAL A 506 -11.26 -11.38 -12.22
N GLY A 507 -11.61 -11.82 -13.42
CA GLY A 507 -11.01 -13.04 -13.98
C GLY A 507 -9.49 -12.93 -14.14
N LYS A 508 -9.01 -11.76 -14.50
CA LYS A 508 -7.58 -11.57 -14.73
C LYS A 508 -6.80 -11.67 -13.42
N LEU A 509 -7.34 -11.08 -12.35
CA LEU A 509 -6.67 -11.21 -11.05
C LEU A 509 -6.62 -12.67 -10.59
N ARG A 510 -7.73 -13.39 -10.79
CA ARG A 510 -7.79 -14.78 -10.37
C ARG A 510 -6.74 -15.63 -11.11
N SER A 511 -6.71 -15.56 -12.43
CA SER A 511 -5.78 -16.41 -13.19
C SER A 511 -4.32 -15.92 -13.08
N SER A 512 -4.13 -14.69 -12.63
CA SER A 512 -2.78 -14.23 -12.27
C SER A 512 -2.33 -14.65 -10.88
N GLY A 513 -3.18 -15.36 -10.14
CA GLY A 513 -2.79 -15.80 -8.80
C GLY A 513 -2.77 -14.71 -7.75
N VAL A 514 -3.53 -13.64 -7.96
CA VAL A 514 -3.64 -12.57 -7.01
C VAL A 514 -4.76 -12.93 -6.04
N TYR A 515 -4.51 -12.75 -4.74
CA TYR A 515 -5.54 -13.05 -3.75
C TYR A 515 -6.50 -11.88 -3.58
N SER A 516 -7.79 -12.17 -3.56
CA SER A 516 -8.86 -11.21 -3.25
C SER A 516 -9.05 -10.98 -1.75
N TYR A 517 -9.62 -9.82 -1.43
CA TYR A 517 -10.11 -9.53 -0.09
C TYR A 517 -11.58 -9.91 0.01
N LYS A 518 -11.95 -10.70 1.00
CA LYS A 518 -13.36 -10.95 1.32
C LYS A 518 -13.69 -10.36 2.69
N VAL A 519 -14.43 -9.27 2.66
CA VAL A 519 -14.78 -8.53 3.86
C VAL A 519 -16.14 -9.04 4.31
N LEU A 520 -16.20 -9.53 5.55
CA LEU A 520 -17.42 -10.16 6.07
C LEU A 520 -18.65 -9.30 5.80
N TYR A 521 -18.54 -7.99 6.12
CA TYR A 521 -19.65 -7.07 5.98
C TYR A 521 -20.29 -7.11 4.59
N PHE A 522 -19.49 -7.33 3.56
CA PHE A 522 -19.98 -7.25 2.18
C PHE A 522 -20.33 -8.58 1.52
N GLU A 523 -20.07 -9.70 2.20
CA GLU A 523 -20.23 -11.03 1.60
C GLU A 523 -21.63 -11.56 1.84
N ASN A 524 -22.59 -10.83 1.27
CA ASN A 524 -24.00 -11.16 1.36
C ASN A 524 -24.66 -10.77 0.04
N ASP A 525 -25.83 -11.31 -0.26
CA ASP A 525 -26.47 -10.99 -1.55
C ASP A 525 -27.44 -9.81 -1.44
N HIS A 526 -28.27 -9.62 -2.46
CA HIS A 526 -29.21 -8.48 -2.55
C HIS A 526 -30.28 -8.41 -1.46
N GLU A 527 -30.53 -9.54 -0.77
CA GLU A 527 -31.43 -9.51 0.40
C GLU A 527 -30.75 -9.90 1.73
N LYS A 528 -29.44 -9.64 1.82
CA LYS A 528 -28.66 -9.81 3.04
C LYS A 528 -28.54 -11.24 3.56
N THR A 529 -28.69 -12.22 2.67
CA THR A 529 -28.32 -13.59 2.98
C THR A 529 -26.80 -13.65 2.88
N PHE A 530 -26.14 -14.04 3.96
CA PHE A 530 -24.70 -14.05 3.97
C PHE A 530 -24.13 -15.33 3.40
N ARG A 531 -23.04 -15.19 2.65
CA ARG A 531 -22.38 -16.33 2.05
C ARG A 531 -21.84 -17.25 3.14
N ALA A 532 -22.03 -18.55 2.95
CA ALA A 532 -21.54 -19.58 3.87
C ALA A 532 -20.03 -19.58 3.91
N PRO A 533 -19.46 -19.89 5.07
CA PRO A 533 -18.02 -19.91 5.16
C PRO A 533 -17.36 -20.87 4.15
N LYS A 534 -17.96 -22.01 3.88
CA LYS A 534 -17.36 -22.94 2.93
C LYS A 534 -17.42 -22.44 1.49
N ALA A 535 -18.29 -21.48 1.21
CA ALA A 535 -18.42 -20.91 -0.12
C ALA A 535 -17.47 -19.72 -0.36
N TYR A 536 -16.61 -19.38 0.61
CA TYR A 536 -15.58 -18.35 0.35
C TYR A 536 -14.53 -18.97 -0.57
N PRO A 537 -14.10 -18.22 -1.60
CA PRO A 537 -13.13 -18.79 -2.52
C PRO A 537 -11.80 -19.00 -1.81
N GLU A 538 -11.09 -20.04 -2.23
CA GLU A 538 -9.83 -20.40 -1.60
C GLU A 538 -8.78 -19.30 -1.80
N GLN A 539 -8.78 -18.68 -2.97
CA GLN A 539 -7.75 -17.72 -3.33
C GLN A 539 -8.16 -16.31 -2.85
N SER A 540 -8.28 -16.19 -1.54
CA SER A 540 -8.66 -14.94 -0.94
C SER A 540 -8.18 -14.86 0.50
N MSE A 541 -8.23 -13.65 1.03
CA MSE A 541 -8.03 -13.42 2.43
C MSE A 541 -9.36 -12.96 2.98
O MSE A 541 -9.90 -11.98 2.50
CB MSE A 541 -6.95 -12.35 2.69
CG MSE A 541 -6.86 -12.14 4.20
SE MSE A 541 -5.47 -10.86 4.68
CE MSE A 541 -3.90 -11.79 3.97
N ALA A 542 -9.86 -13.65 3.99
CA ALA A 542 -11.07 -13.21 4.71
C ALA A 542 -10.71 -12.28 5.88
N VAL A 543 -11.43 -11.17 5.97
CA VAL A 543 -11.28 -10.22 7.06
C VAL A 543 -12.67 -9.83 7.56
N ALA A 544 -12.75 -9.47 8.83
CA ALA A 544 -13.97 -8.94 9.41
C ALA A 544 -14.17 -7.53 8.88
N ALA A 545 -13.08 -6.76 8.90
CA ALA A 545 -13.08 -5.38 8.49
C ALA A 545 -11.65 -4.97 8.10
N THR A 546 -11.50 -3.70 7.69
CA THR A 546 -10.20 -3.10 7.41
C THR A 546 -10.09 -1.76 8.10
N HIS A 547 -8.92 -1.15 7.98
CA HIS A 547 -8.69 0.18 8.53
C HIS A 547 -9.61 1.24 7.91
N ASP A 548 -10.19 0.95 6.75
CA ASP A 548 -11.13 1.89 6.11
C ASP A 548 -12.59 1.74 6.55
N LEU A 549 -12.88 0.79 7.43
CA LEU A 549 -14.25 0.43 7.78
C LEU A 549 -14.42 0.46 9.31
N PRO A 550 -15.67 0.51 9.78
CA PRO A 550 -15.85 0.40 11.23
C PRO A 550 -15.34 -0.93 11.79
N THR A 551 -14.88 -0.90 13.03
CA THR A 551 -14.63 -2.09 13.80
C THR A 551 -15.94 -2.90 13.94
N LEU A 552 -15.85 -4.13 14.43
CA LEU A 552 -17.05 -4.96 14.62
C LEU A 552 -18.08 -4.26 15.48
N ARG A 553 -17.61 -3.67 16.58
CA ARG A 553 -18.50 -2.95 17.47
C ARG A 553 -19.06 -1.72 16.76
N GLY A 554 -18.20 -0.94 16.12
CA GLY A 554 -18.68 0.24 15.38
C GLY A 554 -19.73 -0.12 14.33
N TYR A 555 -19.48 -1.19 13.58
CA TYR A 555 -20.43 -1.66 12.57
C TYR A 555 -21.78 -1.97 13.21
N TRP A 556 -21.75 -2.75 14.28
CA TRP A 556 -22.96 -3.20 14.94
C TRP A 556 -23.78 -2.03 15.47
N GLU A 557 -23.08 -1.01 15.94
CA GLU A 557 -23.72 0.14 16.57
C GLU A 557 -24.09 1.20 15.56
N CYS A 558 -23.76 0.97 14.28
CA CYS A 558 -23.93 1.97 13.22
C CYS A 558 -23.10 3.23 13.46
N GLY A 559 -22.01 3.11 14.21
CA GLY A 559 -21.23 4.28 14.60
C GLY A 559 -20.64 5.02 13.40
N ASP A 560 -20.31 4.26 12.36
CA ASP A 560 -19.75 4.82 11.13
C ASP A 560 -20.72 5.75 10.43
N LEU A 561 -22.01 5.40 10.46
CA LEU A 561 -23.02 6.19 9.79
C LEU A 561 -23.28 7.44 10.59
N THR A 562 -23.41 7.29 11.90
CA THR A 562 -23.64 8.42 12.79
C THR A 562 -22.48 9.44 12.76
N LEU A 563 -21.25 8.92 12.90
CA LEU A 563 -20.09 9.77 12.85
C LEU A 563 -19.92 10.37 11.44
N GLY A 564 -20.10 9.55 10.41
CA GLY A 564 -20.04 10.01 9.01
C GLY A 564 -20.96 11.19 8.76
N LYS A 565 -22.16 11.12 9.31
CA LYS A 565 -23.15 12.16 9.14
C LYS A 565 -22.64 13.45 9.75
N THR A 566 -22.07 13.32 10.94
CA THR A 566 -21.54 14.45 11.67
C THR A 566 -20.38 15.10 10.93
N LEU A 567 -19.57 14.30 10.23
CA LEU A 567 -18.41 14.82 9.53
C LEU A 567 -18.64 15.27 8.10
N GLY A 568 -19.88 15.23 7.60
CA GLY A 568 -20.20 15.77 6.27
C GLY A 568 -20.28 14.75 5.13
N LEU A 569 -20.19 13.46 5.46
CA LEU A 569 -20.17 12.42 4.44
C LEU A 569 -21.53 12.04 3.87
N TYR A 570 -22.60 12.32 4.62
CA TYR A 570 -23.96 11.92 4.22
C TYR A 570 -24.94 13.09 4.26
N PRO A 571 -24.81 14.05 3.32
CA PRO A 571 -25.71 15.23 3.35
C PRO A 571 -27.12 14.96 2.83
N ASP A 572 -27.37 13.78 2.27
CA ASP A 572 -28.71 13.45 1.82
C ASP A 572 -29.39 12.52 2.85
N GLU A 573 -30.41 13.05 3.53
CA GLU A 573 -31.09 12.32 4.62
C GLU A 573 -31.80 11.07 4.14
N VAL A 574 -32.38 11.12 2.96
CA VAL A 574 -33.06 9.95 2.41
C VAL A 574 -32.08 8.82 2.13
N VAL A 575 -30.97 9.15 1.52
CA VAL A 575 -29.94 8.16 1.28
C VAL A 575 -29.42 7.59 2.61
N LEU A 576 -29.16 8.48 3.57
CA LEU A 576 -28.68 8.07 4.89
C LEU A 576 -29.65 7.11 5.57
N ARG A 577 -30.93 7.46 5.55
CA ARG A 577 -31.98 6.61 6.11
C ARG A 577 -31.91 5.21 5.51
N GLY A 578 -31.69 5.15 4.20
CA GLY A 578 -31.53 3.87 3.50
C GLY A 578 -30.37 3.05 4.06
N LEU A 579 -29.25 3.71 4.33
CA LEU A 579 -28.07 3.04 4.84
C LEU A 579 -28.28 2.46 6.25
N TYR A 580 -28.99 3.20 7.11
CA TYR A 580 -29.35 2.70 8.44
C TYR A 580 -30.24 1.46 8.32
N GLN A 581 -31.28 1.55 7.50
CA GLN A 581 -32.17 0.41 7.27
C GLN A 581 -31.43 -0.79 6.74
N ASP A 582 -30.56 -0.58 5.78
CA ASP A 582 -29.80 -1.70 5.24
C ASP A 582 -28.84 -2.30 6.27
N ARG A 583 -28.24 -1.46 7.11
CA ARG A 583 -27.36 -2.00 8.17
C ARG A 583 -28.15 -2.92 9.13
N GLU A 584 -29.35 -2.51 9.53
CA GLU A 584 -30.15 -3.33 10.45
C GLU A 584 -30.54 -4.65 9.78
N LEU A 585 -30.87 -4.60 8.50
CA LEU A 585 -31.11 -5.82 7.74
C LEU A 585 -29.86 -6.69 7.64
N ALA A 586 -28.72 -6.07 7.34
CA ALA A 586 -27.46 -6.81 7.28
C ALA A 586 -27.13 -7.49 8.61
N LYS A 587 -27.27 -6.76 9.71
CA LYS A 587 -27.00 -7.34 11.04
C LYS A 587 -27.83 -8.59 11.31
N GLN A 588 -29.13 -8.48 11.03
CA GLN A 588 -30.03 -9.62 11.14
C GLN A 588 -29.61 -10.80 10.25
N GLY A 589 -29.25 -10.53 9.00
CA GLY A 589 -28.80 -11.60 8.09
C GLY A 589 -27.52 -12.25 8.58
N LEU A 590 -26.63 -11.44 9.11
CA LEU A 590 -25.39 -11.92 9.71
C LEU A 590 -25.62 -12.81 10.93
N LEU A 591 -26.51 -12.36 11.82
CA LEU A 591 -26.86 -13.14 12.98
C LEU A 591 -27.47 -14.49 12.60
N ASP A 592 -28.35 -14.50 11.61
CA ASP A 592 -28.93 -15.73 11.09
C ASP A 592 -27.87 -16.70 10.60
N ALA A 593 -26.88 -16.16 9.90
CA ALA A 593 -25.82 -16.99 9.34
C ALA A 593 -24.94 -17.55 10.47
N LEU A 594 -24.67 -16.75 11.49
CA LEU A 594 -23.83 -17.20 12.60
C LEU A 594 -24.47 -18.39 13.31
N HIS A 595 -25.77 -18.29 13.54
CA HIS A 595 -26.53 -19.42 14.08
C HIS A 595 -26.59 -20.60 13.09
N LYS A 596 -26.92 -20.34 11.82
CA LYS A 596 -27.05 -21.41 10.83
C LYS A 596 -25.79 -22.29 10.66
N TYR A 597 -24.61 -21.69 10.65
CA TYR A 597 -23.36 -22.40 10.45
C TYR A 597 -22.56 -22.64 11.74
N GLY A 598 -23.23 -22.54 12.89
CA GLY A 598 -22.68 -23.07 14.15
C GLY A 598 -21.60 -22.25 14.84
N CYS A 599 -21.61 -20.94 14.64
CA CYS A 599 -20.63 -20.07 15.28
C CYS A 599 -21.08 -19.51 16.62
N LEU A 600 -22.39 -19.60 16.89
CA LEU A 600 -22.99 -19.09 18.13
C LEU A 600 -23.71 -20.23 18.83
N PRO A 601 -23.78 -20.21 20.15
CA PRO A 601 -24.65 -21.21 20.75
C PRO A 601 -26.14 -20.88 20.56
N LYS A 602 -26.96 -21.87 20.77
CA LYS A 602 -28.41 -21.72 20.68
C LYS A 602 -28.92 -20.69 21.69
N ARG A 603 -28.28 -20.59 22.84
CA ARG A 603 -28.69 -19.60 23.83
C ARG A 603 -28.38 -18.14 23.49
N ALA A 604 -27.60 -17.89 22.45
CA ALA A 604 -27.41 -16.51 21.97
C ALA A 604 -28.70 -16.01 21.33
N GLY A 605 -28.95 -14.71 21.44
CA GLY A 605 -30.15 -14.11 20.86
C GLY A 605 -30.25 -14.35 19.35
N HIS A 606 -31.48 -14.30 18.85
CA HIS A 606 -31.76 -14.47 17.43
C HIS A 606 -32.26 -13.18 16.77
N LYS A 607 -32.40 -12.11 17.53
CA LYS A 607 -32.98 -10.87 17.02
C LYS A 607 -31.95 -9.77 17.18
N ALA A 608 -31.35 -9.36 16.07
CA ALA A 608 -30.22 -8.46 16.09
C ALA A 608 -30.58 -7.09 16.66
N SER A 609 -31.81 -6.64 16.44
CA SER A 609 -32.18 -5.29 16.91
C SER A 609 -32.21 -5.21 18.46
N LEU A 610 -32.37 -6.33 19.13
CA LEU A 610 -32.41 -6.36 20.58
C LEU A 610 -31.06 -6.71 21.20
N MSE A 611 -29.99 -6.76 20.41
CA MSE A 611 -28.71 -7.23 20.92
C MSE A 611 -27.67 -6.21 20.75
O MSE A 611 -27.58 -5.59 19.70
CB MSE A 611 -28.21 -8.45 20.15
CG MSE A 611 -28.85 -9.70 20.68
SE MSE A 611 -28.62 -11.10 19.32
CE MSE A 611 -26.67 -10.87 19.13
N SER A 612 -26.86 -6.04 21.79
CA SER A 612 -25.65 -5.25 21.65
C SER A 612 -24.42 -6.16 21.43
N MSE A 613 -23.31 -5.54 21.08
CA MSE A 613 -22.08 -6.27 20.85
C MSE A 613 -21.72 -6.84 22.20
O MSE A 613 -21.75 -6.12 23.20
CB MSE A 613 -21.04 -5.30 20.28
CG MSE A 613 -19.66 -5.92 20.09
SE MSE A 613 -19.78 -7.57 19.01
CE MSE A 613 -20.49 -6.74 17.38
N THR A 614 -21.46 -8.13 22.25
CA THR A 614 -21.00 -8.84 23.44
C THR A 614 -19.77 -9.67 23.07
N PRO A 615 -19.03 -10.20 24.07
CA PRO A 615 -17.92 -11.10 23.72
C PRO A 615 -18.36 -12.34 22.91
N THR A 616 -19.49 -12.93 23.24
CA THR A 616 -20.05 -14.05 22.46
C THR A 616 -20.24 -13.67 20.98
N LEU A 617 -20.85 -12.52 20.72
CA LEU A 617 -21.07 -12.09 19.35
C LEU A 617 -19.72 -11.77 18.66
N ASN A 618 -18.90 -10.96 19.32
CA ASN A 618 -17.55 -10.68 18.87
C ASN A 618 -16.79 -11.96 18.44
N ARG A 619 -16.83 -12.98 19.29
CA ARG A 619 -16.15 -14.24 19.00
C ARG A 619 -16.81 -14.96 17.81
N GLY A 620 -18.14 -15.01 17.82
CA GLY A 620 -18.93 -15.62 16.76
C GLY A 620 -18.61 -15.08 15.37
N LEU A 621 -18.44 -13.77 15.27
CA LEU A 621 -18.16 -13.11 14.01
C LEU A 621 -16.79 -13.51 13.48
N GLN A 622 -15.82 -13.60 14.38
CA GLN A 622 -14.46 -13.98 13.99
C GLN A 622 -14.34 -15.49 13.75
N ARG A 623 -15.11 -16.31 14.46
CA ARG A 623 -15.17 -17.75 14.12
C ARG A 623 -15.69 -17.95 12.71
N TYR A 624 -16.65 -17.15 12.30
CA TYR A 624 -17.32 -17.34 11.02
C TYR A 624 -16.29 -17.25 9.88
N ILE A 625 -15.45 -16.24 9.92
CA ILE A 625 -14.39 -16.10 8.91
C ILE A 625 -13.21 -17.04 9.11
N ALA A 626 -12.87 -17.35 10.35
CA ALA A 626 -11.88 -18.38 10.64
C ALA A 626 -12.27 -19.77 10.08
N ASP A 627 -13.56 -20.07 10.12
CA ASP A 627 -14.10 -21.32 9.58
C ASP A 627 -14.20 -21.30 8.05
N SER A 628 -13.99 -20.16 7.41
CA SER A 628 -14.20 -20.07 5.98
C SER A 628 -13.13 -20.83 5.24
N ASN A 629 -13.40 -20.97 3.95
CA ASN A 629 -12.54 -21.66 3.04
C ASN A 629 -11.43 -20.74 2.48
N SER A 630 -11.49 -19.44 2.79
CA SER A 630 -10.42 -18.51 2.42
C SER A 630 -9.12 -19.05 2.94
N ALA A 631 -8.10 -19.10 2.07
CA ALA A 631 -6.78 -19.62 2.48
C ALA A 631 -6.11 -18.73 3.53
N LEU A 632 -6.41 -17.43 3.51
CA LEU A 632 -5.84 -16.50 4.49
C LEU A 632 -6.92 -15.84 5.31
N LEU A 633 -6.60 -15.56 6.57
CA LEU A 633 -7.48 -14.84 7.49
C LEU A 633 -6.71 -13.69 8.12
N GLY A 634 -7.24 -12.49 8.05
CA GLY A 634 -6.59 -11.33 8.65
C GLY A 634 -7.42 -10.86 9.83
N LEU A 635 -6.80 -10.82 10.99
CA LEU A 635 -7.48 -10.41 12.23
C LEU A 635 -6.96 -9.04 12.70
N GLN A 636 -7.88 -8.18 13.08
CA GLN A 636 -7.52 -6.87 13.65
C GLN A 636 -7.45 -6.93 15.18
N PRO A 637 -6.35 -6.42 15.76
CA PRO A 637 -6.30 -6.33 17.21
C PRO A 637 -7.43 -5.52 17.83
N GLU A 638 -7.94 -4.54 17.12
CA GLU A 638 -9.04 -3.70 17.59
C GLU A 638 -10.28 -4.54 17.90
N ASP A 639 -10.49 -5.61 17.16
CA ASP A 639 -11.59 -6.50 17.42
C ASP A 639 -11.29 -7.48 18.55
N TRP A 640 -10.02 -7.82 18.81
CA TRP A 640 -9.71 -8.60 20.01
C TRP A 640 -9.93 -7.77 21.23
N LEU A 641 -9.77 -6.45 21.13
CA LEU A 641 -9.92 -5.55 22.26
C LEU A 641 -11.33 -4.96 22.37
N ASP A 642 -12.22 -5.34 21.46
CA ASP A 642 -13.60 -4.88 21.44
C ASP A 642 -13.72 -3.35 21.33
N MSE A 643 -12.88 -2.77 20.51
CA MSE A 643 -12.85 -1.31 20.33
C MSE A 643 -13.95 -0.81 19.45
O MSE A 643 -14.29 -1.47 18.46
CB MSE A 643 -11.50 -0.89 19.79
CG MSE A 643 -10.42 -1.18 20.81
SE MSE A 643 -8.69 -0.50 20.18
CE MSE A 643 -9.12 1.39 20.45
N ALA A 644 -14.50 0.36 19.78
CA ALA A 644 -15.60 0.95 19.02
C ALA A 644 -15.15 1.97 17.96
N GLU A 645 -14.08 2.69 18.23
CA GLU A 645 -13.71 3.84 17.38
C GLU A 645 -12.81 3.46 16.21
N PRO A 646 -13.07 4.07 15.02
CA PRO A 646 -12.30 3.79 13.83
C PRO A 646 -10.96 4.50 13.84
N VAL A 647 -10.02 3.95 13.10
CA VAL A 647 -8.70 4.54 12.97
C VAL A 647 -8.62 5.50 11.76
N ASN A 648 -9.52 5.34 10.78
CA ASN A 648 -9.54 6.18 9.60
C ASN A 648 -10.94 6.26 9.04
N ILE A 649 -11.32 7.45 8.60
CA ILE A 649 -12.60 7.65 7.96
C ILE A 649 -12.35 8.14 6.53
N PRO A 650 -12.58 7.26 5.56
CA PRO A 650 -12.37 7.63 4.17
C PRO A 650 -13.15 8.87 3.78
N GLY A 651 -12.49 9.73 2.99
CA GLY A 651 -13.07 11.00 2.57
C GLY A 651 -12.96 12.13 3.60
N THR A 652 -12.24 11.92 4.69
CA THR A 652 -11.93 12.98 5.64
C THR A 652 -10.42 13.20 5.66
N SER A 653 -10.02 14.44 5.97
CA SER A 653 -8.63 14.80 6.25
C SER A 653 -8.62 15.39 7.66
N TYR A 654 -9.05 16.65 7.79
CA TYR A 654 -9.00 17.39 9.05
C TYR A 654 -10.17 17.11 9.97
N GLN A 655 -11.26 16.59 9.44
CA GLN A 655 -12.50 16.46 10.24
C GLN A 655 -12.44 15.42 11.35
N TYR A 656 -11.58 14.41 11.20
CA TYR A 656 -11.36 13.37 12.19
C TYR A 656 -9.87 13.23 12.38
N LYS A 657 -9.43 12.77 13.55
CA LYS A 657 -8.03 12.45 13.81
C LYS A 657 -7.69 11.11 13.21
N ASN A 658 -7.49 11.10 11.90
CA ASN A 658 -7.14 9.88 11.22
C ASN A 658 -5.70 9.51 11.54
N TRP A 659 -5.43 8.20 11.47
CA TRP A 659 -4.08 7.62 11.58
C TRP A 659 -3.46 7.89 12.96
N ARG A 660 -4.32 7.98 13.97
CA ARG A 660 -3.90 8.39 15.32
C ARG A 660 -4.48 7.59 16.49
N ARG A 661 -5.62 6.93 16.30
CA ARG A 661 -6.29 6.21 17.42
C ARG A 661 -5.45 4.98 17.86
N LYS A 662 -4.87 5.06 19.04
CA LYS A 662 -4.06 3.97 19.54
C LYS A 662 -4.92 2.77 19.95
N LEU A 663 -4.34 1.59 19.92
CA LEU A 663 -4.98 0.46 20.62
C LEU A 663 -5.15 0.79 22.11
N SER A 664 -6.12 0.15 22.75
CA SER A 664 -6.45 0.49 24.14
C SER A 664 -5.68 -0.33 25.17
N ALA A 665 -4.76 -1.19 24.71
CA ALA A 665 -3.94 -1.92 25.64
C ALA A 665 -2.53 -2.11 25.03
N THR A 666 -1.52 -2.22 25.89
CA THR A 666 -0.20 -2.57 25.41
C THR A 666 -0.17 -4.02 24.87
N LEU A 667 0.86 -4.33 24.09
CA LEU A 667 1.17 -5.70 23.65
C LEU A 667 1.33 -6.64 24.84
N GLU A 668 2.10 -6.20 25.82
CA GLU A 668 2.36 -6.97 27.02
C GLU A 668 1.06 -7.34 27.71
N SER A 669 0.17 -6.37 27.83
CA SER A 669 -1.08 -6.58 28.54
C SER A 669 -2.08 -7.38 27.69
N MSE A 670 -2.15 -7.12 26.39
CA MSE A 670 -3.05 -7.91 25.55
C MSE A 670 -2.69 -9.38 25.50
O MSE A 670 -3.56 -10.23 25.64
CB MSE A 670 -3.30 -7.27 24.20
CG MSE A 670 -2.57 -7.91 23.03
SE MSE A 670 -2.93 -6.81 21.42
CE MSE A 670 -4.85 -6.70 21.59
N PHE A 671 -1.41 -9.71 25.36
CA PHE A 671 -0.99 -11.10 25.28
C PHE A 671 -0.92 -11.85 26.61
N ALA A 672 -1.12 -11.15 27.71
CA ALA A 672 -1.30 -11.80 29.01
C ALA A 672 -2.77 -11.88 29.40
N ASP A 673 -3.67 -11.31 28.60
CA ASP A 673 -5.12 -11.34 28.88
C ASP A 673 -5.73 -12.72 28.54
N ASP A 674 -6.37 -13.33 29.51
CA ASP A 674 -7.01 -14.64 29.32
C ASP A 674 -7.96 -14.68 28.14
N GLY A 675 -8.79 -13.65 27.98
CA GLY A 675 -9.78 -13.59 26.90
C GLY A 675 -9.16 -13.54 25.51
N VAL A 676 -8.12 -12.73 25.35
CA VAL A 676 -7.44 -12.62 24.07
C VAL A 676 -6.78 -13.95 23.75
N ASN A 677 -6.08 -14.53 24.71
CA ASN A 677 -5.40 -15.80 24.51
C ASN A 677 -6.36 -16.93 24.14
N LYS A 678 -7.50 -16.99 24.82
CA LYS A 678 -8.54 -17.99 24.51
C LYS A 678 -9.13 -17.78 23.12
N LEU A 679 -9.43 -16.53 22.77
CA LEU A 679 -9.94 -16.19 21.43
C LEU A 679 -8.95 -16.64 20.33
N LEU A 680 -7.67 -16.28 20.45
CA LEU A 680 -6.69 -16.64 19.41
C LEU A 680 -6.46 -18.17 19.31
N LYS A 681 -6.45 -18.84 20.44
CA LYS A 681 -6.35 -20.30 20.44
C LYS A 681 -7.55 -20.96 19.73
N ASP A 682 -8.76 -20.47 20.00
CA ASP A 682 -9.96 -20.98 19.35
C ASP A 682 -9.91 -20.75 17.84
N LEU A 683 -9.60 -19.52 17.44
CA LEU A 683 -9.58 -19.16 16.03
C LEU A 683 -8.53 -19.95 15.26
N ASP A 684 -7.37 -20.11 15.88
CA ASP A 684 -6.27 -20.90 15.32
C ASP A 684 -6.67 -22.37 15.18
N ARG A 685 -7.42 -22.89 16.13
CA ARG A 685 -7.85 -24.28 16.04
C ARG A 685 -8.86 -24.45 14.90
N ARG A 686 -9.74 -23.47 14.71
CA ARG A 686 -10.68 -23.48 13.60
C ARG A 686 -10.01 -23.36 12.25
N ARG A 687 -8.91 -22.63 12.17
CA ARG A 687 -8.14 -22.58 10.94
C ARG A 687 -7.56 -23.95 10.59
N ARG A 688 -7.04 -24.66 11.58
CA ARG A 688 -6.40 -25.97 11.32
C ARG A 688 -7.39 -27.10 11.14
N SER A 689 -8.64 -26.87 11.50
CA SER A 689 -9.73 -27.81 11.28
C SER A 689 -10.42 -27.63 9.92
N ALA A 690 -10.38 -26.42 9.35
CA ALA A 690 -11.13 -26.07 8.13
C ALA A 690 -10.51 -26.68 6.87
O6A 7SA B . -16.17 -3.78 -2.68
C6A 7SA B . -16.56 -3.08 -1.51
C5A 7SA B . -17.94 -2.53 -1.76
O5A 7SA B . -18.77 -3.68 -1.80
C1A 7SA B . -20.14 -3.35 -1.90
O1A 7SA B . -20.89 -4.56 -1.95
C4A 7SA B . -18.35 -1.53 -0.68
C3A 7SA B . -19.85 -1.24 -0.69
O3A 7SA B . -20.29 -0.41 0.41
C2A 7SA B . -20.57 -2.57 -0.66
O2A 7SA B . -21.98 -2.35 -0.61
O4A 7SA B . -17.67 -0.31 -0.93
C1B 7SA B . -17.27 0.39 0.26
O5B 7SA B . -16.08 -0.18 0.76
C5B 7SA B . -14.92 -0.09 -0.10
C6B 7SA B . -13.72 -0.66 0.65
O6B 7SA B . -13.47 0.13 1.82
C4B 7SA B . -14.57 1.32 -0.58
C3B 7SA B . -15.86 2.00 -1.07
O3B 7SA B . -15.74 3.41 -1.25
C2B 7SA B . -17.02 1.83 -0.10
O2B 7SA B . -18.28 2.24 -0.66
O4B 7SA B . -13.47 1.21 -1.55
C1C 7SA B . -13.13 2.53 -1.89
O5C 7SA B . -12.64 3.31 -0.80
C5C 7SA B . -11.58 2.74 0.02
C6C 7SA B . -11.36 3.74 1.15
C4C 7SA B . -10.30 2.39 -0.77
C3C 7SA B . -10.77 1.50 -1.94
O3C 7SA B . -9.67 1.11 -2.78
C2C 7SA B . -11.85 2.26 -2.74
O2C 7SA B . -12.13 1.52 -3.95
N4C 7SA B . -9.21 1.75 0.06
C1D 7SA B . -7.70 2.09 -0.10
C7D 7SA B . -7.19 3.27 -0.95
C5D 7SA B . -6.67 4.45 -0.47
C6D 7SA B . -6.08 5.35 -1.52
O6D 7SA B . -5.38 6.46 -0.99
C4D 7SA B . -6.65 4.83 1.02
O4D 7SA B . -7.28 6.10 1.29
C3D 7SA B . -7.30 3.67 1.79
O3D 7SA B . -6.95 3.71 3.17
C2D 7SA B . -6.88 2.32 1.18
O2D 7SA B . -6.96 1.18 2.04
O6G 7SA B . -2.53 16.64 0.61
C6G 7SA B . -2.88 17.40 -0.56
C5G 7SA B . -4.38 17.36 -0.88
C4G 7SA B . -4.91 17.88 -2.21
O4G 7SA B . -4.04 17.54 -3.33
C3G 7SA B . -6.34 17.42 -2.49
O3G 7SA B . -6.90 18.12 -3.61
C2G 7SA B . -7.21 17.62 -1.25
O2G 7SA B . -8.59 17.38 -1.60
C7G 7SA B . -5.22 16.89 0.08
C1G 7SA B . -6.71 16.73 -0.10
N4F 7SA B . -6.92 15.26 -0.30
C4F 7SA B . -7.14 14.51 0.96
C3F 7SA B . -8.34 13.69 0.66
O3F 7SA B . -9.32 14.64 0.28
C2F 7SA B . -8.82 12.92 1.86
O2F 7SA B . -9.92 12.18 1.35
C5F 7SA B . -6.08 13.54 1.40
C6F 7SA B . -4.80 14.31 1.59
O5F 7SA B . -6.50 12.84 2.61
C1F 7SA B . -7.72 12.08 2.50
O4E 7SA B . -7.58 10.91 1.67
C4E 7SA B . -7.22 9.71 2.34
C3E 7SA B . -8.45 8.81 2.51
O3E 7SA B . -9.48 9.52 3.16
C2E 7SA B . -8.03 7.51 3.20
O2E 7SA B . -9.13 6.59 3.28
C5E 7SA B . -6.23 8.93 1.49
C6E 7SA B . -4.99 9.73 1.12
O6E 7SA B . -4.21 10.03 2.28
O5E 7SA B . -5.86 7.74 2.21
C1E 7SA B . -6.88 6.80 2.48
C1 EDO C . 14.03 -3.86 15.33
O1 EDO C . 15.18 -4.69 15.39
C2 EDO C . 14.30 -2.67 16.20
O2 EDO C . 14.08 -3.01 17.57
#